data_4FIL
#
_entry.id   4FIL
#
_cell.length_a   81.343
_cell.length_b   78.996
_cell.length_c   116.811
_cell.angle_alpha   90.00
_cell.angle_beta   109.87
_cell.angle_gamma   90.00
#
_symmetry.space_group_name_H-M   'P 1 21 1'
#
loop_
_entity.id
_entity.type
_entity.pdbx_description
1 polymer 'Ferric hydroxamate receptor 2'
2 non-polymer 'Ferrioxamine B'
3 non-polymer 'ZINC ION'
4 non-polymer 1,2-ETHANEDIOL
5 water water
#
_entity_poly.entity_id   1
_entity_poly.type   'polypeptide(L)'
_entity_poly.pdbx_seq_one_letter_code
;GSPKDPKRIAVVAPTYAGGLKKLGANIVAVNQQVDQSKVLKDKFKGVTKIGDGDVEKVAKEKPDLIIVYSTDKDIAAYQA
VAPTVVVDYNKHKYLEQQEMLGKIVGKEDKVKAWKKDWEETTAKDGKEIKKAIGQDATVSLFDEFDKKLYTYGDNWGRGG
EVLYQAFGLKMQPEQQKLTAKAGWAEVKQEEIEKYAGDYIVSTSEGKPTPGYESTNMWKNLKATKEGHIVKVDAGTYWYN
DPYTLDFMRKDLKEKLIKAAK
;
_entity_poly.pdbx_strand_id   A,B,C,D
#
loop_
_chem_comp.id
_chem_comp.type
_chem_comp.name
_chem_comp.formula
0UE non-polymer 'Ferrioxamine B' 'C25 H45 Fe N6 O8'
EDO non-polymer 1,2-ETHANEDIOL 'C2 H6 O2'
ZN non-polymer 'ZINC ION' 'Zn 2'
#
# COMPACT_ATOMS: atom_id res chain seq x y z
N PRO A 6 25.22 19.83 -5.66
CA PRO A 6 24.40 18.63 -5.46
C PRO A 6 24.01 18.47 -4.00
N LYS A 7 23.51 19.55 -3.41
CA LYS A 7 23.11 19.56 -2.01
C LYS A 7 21.98 18.58 -1.70
N ARG A 8 22.23 17.70 -0.74
CA ARG A 8 21.32 16.60 -0.43
C ARG A 8 20.15 17.04 0.44
N ILE A 9 18.95 16.99 -0.14
CA ILE A 9 17.73 17.38 0.57
C ILE A 9 16.88 16.18 0.97
N ALA A 10 16.40 16.18 2.21
CA ALA A 10 15.41 15.22 2.64
C ALA A 10 14.05 15.89 2.77
N VAL A 11 13.10 15.48 1.94
CA VAL A 11 11.77 16.08 1.94
C VAL A 11 10.76 15.25 2.73
N VAL A 12 10.57 15.60 3.99
CA VAL A 12 9.64 14.88 4.86
C VAL A 12 8.21 15.36 4.63
N ALA A 13 8.07 16.66 4.32
CA ALA A 13 6.77 17.22 4.01
C ALA A 13 6.46 17.03 2.53
N PRO A 14 5.44 16.21 2.23
CA PRO A 14 5.11 15.77 0.86
C PRO A 14 4.62 16.88 -0.06
N THR A 15 4.20 18.02 0.50
CA THR A 15 3.74 19.14 -0.30
C THR A 15 4.82 19.66 -1.25
N TYR A 16 6.07 19.57 -0.81
CA TYR A 16 7.16 20.26 -1.47
C TYR A 16 8.10 19.31 -2.22
N ALA A 17 7.68 18.05 -2.34
CA ALA A 17 8.48 17.04 -3.00
C ALA A 17 8.52 17.24 -4.51
N GLY A 18 7.35 17.38 -5.12
CA GLY A 18 7.24 17.52 -6.56
C GLY A 18 7.80 18.83 -7.08
N GLY A 19 7.78 19.86 -6.24
CA GLY A 19 8.31 21.15 -6.63
C GLY A 19 9.82 21.18 -6.66
N LEU A 20 10.44 20.44 -5.74
CA LEU A 20 11.90 20.35 -5.69
C LEU A 20 12.42 19.41 -6.77
N LYS A 21 11.75 18.28 -6.96
CA LYS A 21 12.07 17.35 -8.04
C LYS A 21 12.01 18.04 -9.41
N LYS A 22 10.96 18.83 -9.61
CA LYS A 22 10.78 19.62 -10.82
C LYS A 22 11.98 20.52 -11.08
N LEU A 23 12.49 21.15 -10.02
CA LEU A 23 13.62 22.05 -10.14
C LEU A 23 14.98 21.34 -10.15
N GLY A 24 14.95 20.02 -9.97
CA GLY A 24 16.15 19.23 -10.09
C GLY A 24 16.93 19.07 -8.80
N ALA A 25 16.24 19.19 -7.67
CA ALA A 25 16.89 19.08 -6.37
C ALA A 25 17.41 17.66 -6.12
N ASN A 26 18.48 17.57 -5.34
CA ASN A 26 19.06 16.27 -4.99
C ASN A 26 18.30 15.65 -3.83
N ILE A 27 17.10 15.15 -4.11
CA ILE A 27 16.26 14.55 -3.09
C ILE A 27 16.76 13.15 -2.75
N VAL A 28 17.38 13.03 -1.58
CA VAL A 28 17.95 11.76 -1.13
C VAL A 28 16.96 11.00 -0.27
N ALA A 29 15.96 11.71 0.23
CA ALA A 29 14.87 11.10 0.97
C ALA A 29 13.57 11.84 0.71
N VAL A 30 12.47 11.12 0.68
CA VAL A 30 11.17 11.70 0.33
C VAL A 30 10.07 10.97 1.11
N ASN A 31 9.01 11.71 1.46
CA ASN A 31 7.90 11.12 2.19
C ASN A 31 7.25 10.00 1.39
N GLN A 32 6.96 8.90 2.07
CA GLN A 32 6.37 7.72 1.45
C GLN A 32 5.09 8.00 0.65
N GLN A 33 4.37 9.05 1.05
CA GLN A 33 3.04 9.34 0.51
C GLN A 33 3.02 9.79 -0.96
N VAL A 34 4.18 10.05 -1.53
CA VAL A 34 4.26 10.38 -2.95
C VAL A 34 3.92 9.17 -3.82
N ASP A 35 3.98 7.99 -3.23
CA ASP A 35 3.68 6.75 -3.94
C ASP A 35 2.20 6.61 -4.28
N GLN A 36 1.37 7.38 -3.59
CA GLN A 36 -0.07 7.35 -3.85
C GLN A 36 -0.45 8.16 -5.08
N SER A 37 0.42 9.10 -5.46
CA SER A 37 0.17 9.93 -6.62
C SER A 37 0.68 9.20 -7.86
N LYS A 38 -0.20 9.01 -8.85
CA LYS A 38 0.17 8.32 -10.08
C LYS A 38 1.07 9.19 -10.96
N VAL A 39 1.25 10.44 -10.54
CA VAL A 39 2.16 11.34 -11.22
C VAL A 39 3.52 11.32 -10.52
N LEU A 40 3.51 11.27 -9.18
CA LEU A 40 4.72 11.45 -8.40
C LEU A 40 5.45 10.15 -8.06
N LYS A 41 4.70 9.05 -7.98
CA LYS A 41 5.29 7.75 -7.68
C LYS A 41 6.41 7.39 -8.66
N ASP A 42 6.16 7.64 -9.93
CA ASP A 42 7.14 7.39 -10.98
C ASP A 42 8.37 8.28 -10.83
N LYS A 43 8.16 9.51 -10.35
CA LYS A 43 9.25 10.48 -10.24
C LYS A 43 10.22 10.16 -9.11
N PHE A 44 9.81 9.31 -8.18
CA PHE A 44 10.59 9.07 -6.98
C PHE A 44 10.93 7.60 -6.75
N LYS A 45 10.96 6.82 -7.81
CA LYS A 45 11.39 5.42 -7.71
C LYS A 45 12.91 5.34 -7.59
N GLY A 46 13.38 4.67 -6.56
CA GLY A 46 14.80 4.59 -6.29
C GLY A 46 15.20 5.58 -5.21
N VAL A 47 14.24 6.39 -4.79
CA VAL A 47 14.46 7.36 -3.72
C VAL A 47 13.89 6.81 -2.41
N THR A 48 14.67 6.92 -1.34
CA THR A 48 14.28 6.38 -0.04
C THR A 48 12.98 6.96 0.48
N LYS A 49 12.06 6.08 0.87
CA LYS A 49 10.76 6.51 1.39
C LYS A 49 10.78 6.58 2.91
N ILE A 50 10.45 7.75 3.45
CA ILE A 50 10.28 7.91 4.89
C ILE A 50 8.85 8.31 5.23
N GLY A 51 8.42 7.98 6.45
CA GLY A 51 7.15 8.44 6.99
C GLY A 51 7.42 9.37 8.15
N ASP A 52 6.38 9.82 8.82
CA ASP A 52 6.54 10.64 10.02
C ASP A 52 7.19 9.82 11.13
N GLY A 53 8.20 10.40 11.78
CA GLY A 53 8.91 9.73 12.85
C GLY A 53 10.19 9.05 12.41
N ASP A 54 10.31 8.81 11.10
CA ASP A 54 11.49 8.14 10.56
C ASP A 54 12.73 9.03 10.56
N VAL A 55 13.15 9.47 11.74
CA VAL A 55 14.28 10.37 11.87
C VAL A 55 15.59 9.71 11.46
N GLU A 56 15.76 8.45 11.85
CA GLU A 56 16.99 7.73 11.50
C GLU A 56 17.00 7.34 10.03
N LYS A 57 15.83 7.06 9.47
CA LYS A 57 15.74 6.80 8.04
C LYS A 57 16.18 8.03 7.26
N VAL A 58 15.79 9.21 7.76
CA VAL A 58 16.23 10.47 7.18
C VAL A 58 17.71 10.68 7.43
N ALA A 59 18.13 10.50 8.68
CA ALA A 59 19.52 10.65 9.08
C ALA A 59 20.50 9.80 8.28
N LYS A 60 20.14 8.53 8.07
CA LYS A 60 21.01 7.58 7.40
C LYS A 60 21.36 7.92 5.95
N GLU A 61 20.43 8.55 5.24
CA GLU A 61 20.70 9.00 3.88
C GLU A 61 21.48 10.31 3.85
N LYS A 62 21.88 10.78 5.03
CA LYS A 62 22.76 11.95 5.18
C LYS A 62 22.34 13.19 4.41
N PRO A 63 21.28 13.88 4.88
CA PRO A 63 20.81 15.08 4.19
C PRO A 63 21.64 16.32 4.55
N ASP A 64 21.76 17.24 3.61
CA ASP A 64 22.35 18.55 3.89
C ASP A 64 21.26 19.52 4.28
N LEU A 65 20.01 19.09 4.06
CA LEU A 65 18.86 19.96 4.27
C LEU A 65 17.62 19.11 4.49
N ILE A 66 16.84 19.47 5.50
CA ILE A 66 15.58 18.77 5.79
C ILE A 66 14.40 19.73 5.70
N ILE A 67 13.36 19.30 5.01
CA ILE A 67 12.16 20.11 4.85
C ILE A 67 10.98 19.46 5.54
N VAL A 68 10.44 20.13 6.56
CA VAL A 68 9.31 19.60 7.34
C VAL A 68 8.22 20.63 7.53
N TYR A 69 7.02 20.17 7.88
CA TYR A 69 5.92 21.05 8.22
C TYR A 69 6.18 21.74 9.55
N SER A 70 5.52 22.88 9.74
CA SER A 70 5.63 23.64 10.97
C SER A 70 4.92 22.97 12.16
N THR A 71 4.15 21.93 11.87
CA THR A 71 3.47 21.18 12.91
C THR A 71 4.13 19.83 13.15
N ASP A 72 5.27 19.61 12.49
CA ASP A 72 6.02 18.37 12.66
C ASP A 72 6.60 18.31 14.08
N LYS A 73 6.42 17.17 14.74
CA LYS A 73 6.79 17.02 16.14
C LYS A 73 8.26 16.67 16.36
N ASP A 74 8.93 16.22 15.31
CA ASP A 74 10.31 15.77 15.43
C ASP A 74 11.30 16.81 14.91
N ILE A 75 10.91 18.08 14.95
CA ILE A 75 11.73 19.17 14.42
C ILE A 75 13.09 19.25 15.11
N ALA A 76 13.10 19.17 16.43
CA ALA A 76 14.34 19.27 17.20
C ALA A 76 15.26 18.08 16.92
N ALA A 77 14.64 16.96 16.55
CA ALA A 77 15.38 15.76 16.19
C ALA A 77 16.06 15.94 14.85
N TYR A 78 15.37 16.59 13.91
CA TYR A 78 15.92 16.84 12.59
C TYR A 78 16.99 17.93 12.65
N GLN A 79 16.84 18.84 13.61
CA GLN A 79 17.79 19.92 13.80
C GLN A 79 19.16 19.38 14.18
N ALA A 80 19.17 18.23 14.84
CA ALA A 80 20.39 17.56 15.25
C ALA A 80 21.06 16.86 14.08
N VAL A 81 20.24 16.44 13.12
CA VAL A 81 20.72 15.70 11.95
C VAL A 81 21.29 16.63 10.89
N ALA A 82 20.49 17.60 10.47
CA ALA A 82 20.87 18.52 9.40
C ALA A 82 20.13 19.84 9.56
N PRO A 83 20.57 20.89 8.85
CA PRO A 83 19.81 22.14 8.86
C PRO A 83 18.38 21.92 8.42
N THR A 84 17.42 22.38 9.22
CA THR A 84 16.02 22.09 8.97
C THR A 84 15.22 23.33 8.56
N VAL A 85 14.73 23.33 7.32
CA VAL A 85 13.84 24.38 6.87
C VAL A 85 12.41 24.04 7.26
N VAL A 86 11.86 24.82 8.17
CA VAL A 86 10.50 24.59 8.67
C VAL A 86 9.51 25.45 7.88
N VAL A 87 8.54 24.79 7.24
CA VAL A 87 7.62 25.51 6.37
C VAL A 87 6.18 25.48 6.88
N ASP A 88 5.64 26.66 7.10
CA ASP A 88 4.22 26.80 7.43
C ASP A 88 3.44 26.69 6.12
N TYR A 89 2.64 25.65 5.99
CA TYR A 89 1.84 25.45 4.78
C TYR A 89 0.92 26.63 4.48
N ASN A 90 0.24 27.12 5.51
CA ASN A 90 -0.75 28.18 5.38
C ASN A 90 -0.19 29.52 4.88
N LYS A 91 1.14 29.69 4.96
CA LYS A 91 1.75 30.99 4.70
C LYS A 91 1.77 31.41 3.23
N HIS A 92 1.91 30.44 2.32
CA HIS A 92 1.97 30.74 0.89
C HIS A 92 1.00 29.92 0.07
N LYS A 93 0.47 30.55 -0.98
CA LYS A 93 -0.39 29.86 -1.93
C LYS A 93 0.47 29.19 -3.00
N TYR A 94 -0.15 28.29 -3.77
CA TYR A 94 0.55 27.34 -4.63
C TYR A 94 1.62 27.93 -5.57
N LEU A 95 1.43 29.18 -6.01
CA LEU A 95 2.41 29.82 -6.88
C LEU A 95 3.56 30.41 -6.08
N GLU A 96 3.23 31.05 -4.96
CA GLU A 96 4.22 31.62 -4.07
C GLU A 96 5.04 30.51 -3.41
N GLN A 97 4.41 29.36 -3.24
CA GLN A 97 5.05 28.19 -2.65
C GLN A 97 6.17 27.66 -3.53
N GLN A 98 5.97 27.70 -4.84
CA GLN A 98 6.99 27.27 -5.79
C GLN A 98 8.11 28.30 -5.89
N GLU A 99 7.76 29.57 -5.68
CA GLU A 99 8.75 30.64 -5.62
C GLU A 99 9.73 30.39 -4.48
N MET A 100 9.20 29.89 -3.36
CA MET A 100 10.00 29.60 -2.18
C MET A 100 10.99 28.47 -2.44
N LEU A 101 10.50 27.40 -3.07
CA LEU A 101 11.35 26.27 -3.45
C LEU A 101 12.43 26.69 -4.44
N GLY A 102 12.13 27.73 -5.23
CA GLY A 102 13.10 28.26 -6.16
C GLY A 102 14.23 28.97 -5.44
N LYS A 103 13.94 29.45 -4.23
CA LYS A 103 14.95 30.08 -3.39
C LYS A 103 15.83 29.03 -2.74
N ILE A 104 15.21 27.98 -2.22
CA ILE A 104 15.90 26.87 -1.60
C ILE A 104 17.03 26.30 -2.48
N VAL A 105 16.75 26.16 -3.76
CA VAL A 105 17.72 25.57 -4.69
C VAL A 105 18.35 26.62 -5.59
N GLY A 106 18.02 27.88 -5.35
CA GLY A 106 18.62 28.99 -6.08
C GLY A 106 18.20 29.10 -7.53
N LYS A 107 17.12 28.41 -7.89
CA LYS A 107 16.57 28.52 -9.24
C LYS A 107 15.34 29.41 -9.27
N GLU A 108 15.49 30.62 -8.72
CA GLU A 108 14.37 31.55 -8.59
C GLU A 108 13.90 32.05 -9.94
N ASP A 109 14.82 32.11 -10.90
CA ASP A 109 14.51 32.64 -12.22
C ASP A 109 13.81 31.59 -13.07
N LYS A 110 14.05 30.32 -12.75
CA LYS A 110 13.42 29.21 -13.45
C LYS A 110 11.94 29.10 -13.06
N VAL A 111 11.61 29.58 -11.86
CA VAL A 111 10.24 29.55 -11.37
C VAL A 111 9.42 30.68 -11.97
N LYS A 112 10.04 31.84 -12.12
CA LYS A 112 9.38 33.02 -12.69
C LYS A 112 8.95 32.76 -14.13
N ALA A 113 9.65 31.84 -14.78
CA ALA A 113 9.32 31.46 -16.15
C ALA A 113 8.25 30.37 -16.16
N TRP A 114 8.30 29.49 -15.17
CA TRP A 114 7.28 28.46 -15.01
C TRP A 114 5.94 29.09 -14.65
N LYS A 115 5.97 30.01 -13.70
CA LYS A 115 4.78 30.72 -13.25
C LYS A 115 4.10 31.47 -14.39
N LYS A 116 4.90 32.21 -15.16
CA LYS A 116 4.39 32.99 -16.27
C LYS A 116 3.70 32.12 -17.32
N ASP A 117 4.31 31.00 -17.66
CA ASP A 117 3.76 30.11 -18.68
C ASP A 117 2.53 29.39 -18.14
N TRP A 118 2.60 28.96 -16.89
CA TRP A 118 1.46 28.31 -16.22
C TRP A 118 0.24 29.23 -16.15
N GLU A 119 0.45 30.47 -15.73
CA GLU A 119 -0.63 31.42 -15.59
C GLU A 119 -1.23 31.79 -16.95
N GLU A 120 -0.38 31.93 -17.95
CA GLU A 120 -0.83 32.25 -19.30
C GLU A 120 -1.72 31.15 -19.86
N THR A 121 -1.24 29.92 -19.76
CA THR A 121 -1.93 28.78 -20.33
C THR A 121 -3.28 28.52 -19.66
N THR A 122 -3.29 28.56 -18.33
CA THR A 122 -4.51 28.26 -17.58
C THR A 122 -5.57 29.36 -17.64
N ALA A 123 -5.13 30.61 -17.71
CA ALA A 123 -6.04 31.73 -17.88
C ALA A 123 -6.75 31.59 -19.22
N LYS A 124 -5.96 31.25 -20.23
CA LYS A 124 -6.47 31.02 -21.57
C LYS A 124 -7.33 29.76 -21.60
N ASP A 125 -6.91 28.77 -20.83
CA ASP A 125 -7.73 27.58 -20.62
C ASP A 125 -9.06 27.96 -19.99
N GLY A 126 -9.01 28.88 -19.03
CA GLY A 126 -10.19 29.31 -18.30
C GLY A 126 -11.25 29.95 -19.18
N LYS A 127 -10.82 30.79 -20.11
CA LYS A 127 -11.75 31.37 -21.07
C LYS A 127 -12.44 30.29 -21.90
N GLU A 128 -11.68 29.25 -22.22
CA GLU A 128 -12.20 28.12 -23.00
C GLU A 128 -13.19 27.25 -22.23
N ILE A 129 -12.87 26.98 -20.97
CA ILE A 129 -13.73 26.17 -20.12
C ILE A 129 -15.08 26.86 -19.89
N LYS A 130 -15.03 28.18 -19.73
CA LYS A 130 -16.25 28.95 -19.48
C LYS A 130 -17.11 29.05 -20.74
N LYS A 131 -16.47 28.93 -21.90
CA LYS A 131 -17.18 28.96 -23.18
C LYS A 131 -18.13 27.78 -23.30
N ALA A 132 -17.79 26.68 -22.64
CA ALA A 132 -18.58 25.46 -22.69
C ALA A 132 -19.58 25.33 -21.54
N ILE A 133 -19.16 25.75 -20.35
CA ILE A 133 -19.96 25.51 -19.15
C ILE A 133 -20.68 26.76 -18.63
N GLY A 134 -20.23 27.94 -19.06
CA GLY A 134 -20.82 29.17 -18.57
C GLY A 134 -19.88 29.95 -17.67
N GLN A 135 -19.95 31.27 -17.75
CA GLN A 135 -19.07 32.14 -16.99
C GLN A 135 -19.16 31.91 -15.47
N ASP A 136 -20.39 31.85 -14.96
CA ASP A 136 -20.60 31.73 -13.52
C ASP A 136 -21.00 30.32 -13.10
N ALA A 137 -20.65 29.33 -13.91
CA ALA A 137 -20.91 27.94 -13.54
C ALA A 137 -20.01 27.57 -12.37
N THR A 138 -20.61 26.99 -11.33
CA THR A 138 -19.88 26.67 -10.11
C THR A 138 -19.36 25.23 -10.09
N VAL A 139 -18.23 25.03 -9.43
CA VAL A 139 -17.66 23.70 -9.25
C VAL A 139 -17.47 23.38 -7.78
N SER A 140 -17.90 22.19 -7.38
CA SER A 140 -17.75 21.76 -5.99
C SER A 140 -16.62 20.75 -5.83
N LEU A 141 -16.12 20.62 -4.61
CA LEU A 141 -15.10 19.63 -4.29
C LEU A 141 -15.59 18.68 -3.20
N PHE A 142 -15.70 17.40 -3.54
CA PHE A 142 -16.07 16.38 -2.57
C PHE A 142 -15.00 15.30 -2.45
N ASP A 143 -14.47 15.11 -1.25
CA ASP A 143 -13.36 14.19 -1.04
C ASP A 143 -13.58 13.33 0.20
N GLU A 144 -13.56 12.02 0.01
CA GLU A 144 -13.75 11.08 1.11
C GLU A 144 -12.45 10.41 1.56
N PHE A 145 -12.23 10.38 2.87
CA PHE A 145 -11.13 9.65 3.46
C PHE A 145 -11.57 9.19 4.85
N ASP A 146 -11.28 7.93 5.18
CA ASP A 146 -11.70 7.34 6.45
C ASP A 146 -13.21 7.36 6.59
N LYS A 147 -13.90 7.27 5.45
CA LYS A 147 -15.36 7.29 5.40
C LYS A 147 -15.96 8.63 5.85
N LYS A 148 -15.12 9.64 5.99
CA LYS A 148 -15.59 11.00 6.26
C LYS A 148 -15.57 11.83 4.99
N LEU A 149 -16.46 12.81 4.90
CA LEU A 149 -16.58 13.65 3.71
C LEU A 149 -15.96 15.04 3.92
N TYR A 150 -15.19 15.51 2.94
CA TYR A 150 -14.48 16.77 3.07
C TYR A 150 -14.64 17.67 1.85
N THR A 151 -14.63 18.99 2.08
CA THR A 151 -14.55 19.98 1.00
C THR A 151 -13.45 21.00 1.29
N TYR A 152 -13.09 21.81 0.29
CA TYR A 152 -11.88 22.61 0.39
C TYR A 152 -12.00 24.01 -0.22
N GLY A 153 -11.09 24.90 0.19
CA GLY A 153 -10.97 26.22 -0.40
C GLY A 153 -10.19 26.19 -1.70
N ASP A 154 -9.52 27.29 -2.02
CA ASP A 154 -8.82 27.41 -3.28
C ASP A 154 -7.35 26.96 -3.24
N ASN A 155 -6.90 26.49 -2.07
CA ASN A 155 -5.50 26.12 -1.92
C ASN A 155 -5.25 24.98 -0.92
N TRP A 156 -6.01 23.90 -1.05
CA TRP A 156 -5.82 22.74 -0.20
C TRP A 156 -5.81 21.44 -0.99
N GLY A 157 -5.23 21.48 -2.18
CA GLY A 157 -5.18 20.32 -3.05
C GLY A 157 -6.51 20.02 -3.70
N ARG A 158 -6.64 18.81 -4.24
CA ARG A 158 -7.90 18.33 -4.82
C ARG A 158 -8.32 19.10 -6.07
N GLY A 159 -7.39 19.80 -6.69
CA GLY A 159 -7.65 20.52 -7.91
C GLY A 159 -8.07 21.96 -7.69
N GLY A 160 -8.26 22.33 -6.43
CA GLY A 160 -8.74 23.65 -6.06
C GLY A 160 -7.96 24.84 -6.60
N GLU A 161 -6.63 24.71 -6.60
CA GLU A 161 -5.77 25.81 -7.06
C GLU A 161 -5.78 25.97 -8.58
N VAL A 162 -6.09 24.87 -9.26
CA VAL A 162 -6.27 24.91 -10.71
C VAL A 162 -7.65 25.46 -11.07
N LEU A 163 -8.68 24.86 -10.47
CA LEU A 163 -10.07 25.24 -10.70
C LEU A 163 -10.36 26.72 -10.41
N TYR A 164 -9.99 27.19 -9.23
CA TYR A 164 -10.45 28.50 -8.75
C TYR A 164 -9.47 29.64 -8.97
N GLN A 165 -8.18 29.35 -8.90
CA GLN A 165 -7.16 30.38 -9.05
C GLN A 165 -6.66 30.48 -10.48
N ALA A 166 -6.24 29.35 -11.04
CA ALA A 166 -5.72 29.31 -12.41
C ALA A 166 -6.80 29.56 -13.45
N PHE A 167 -7.78 28.66 -13.52
CA PHE A 167 -8.87 28.75 -14.48
C PHE A 167 -9.76 29.96 -14.18
N GLY A 168 -9.90 30.28 -12.91
CA GLY A 168 -10.78 31.37 -12.50
C GLY A 168 -12.23 30.96 -12.48
N LEU A 169 -12.47 29.65 -12.37
CA LEU A 169 -13.83 29.15 -12.29
C LEU A 169 -14.45 29.58 -10.96
N LYS A 170 -15.78 29.64 -10.93
CA LYS A 170 -16.49 30.12 -9.74
C LYS A 170 -16.63 28.99 -8.71
N MET A 171 -16.24 29.28 -7.48
CA MET A 171 -16.36 28.32 -6.38
C MET A 171 -17.78 28.33 -5.81
N GLN A 172 -18.30 27.14 -5.52
CA GLN A 172 -19.62 26.98 -4.92
C GLN A 172 -19.78 27.86 -3.69
N PRO A 173 -20.82 28.72 -3.69
CA PRO A 173 -21.04 29.78 -2.70
C PRO A 173 -20.93 29.33 -1.23
N GLU A 174 -21.49 28.18 -0.89
CA GLU A 174 -21.46 27.71 0.49
C GLU A 174 -20.15 26.99 0.83
N GLN A 175 -19.55 26.37 -0.18
CA GLN A 175 -18.25 25.74 0.00
C GLN A 175 -17.20 26.80 0.30
N GLN A 176 -17.35 27.95 -0.35
CA GLN A 176 -16.42 29.06 -0.16
C GLN A 176 -16.57 29.63 1.24
N LYS A 177 -17.81 29.74 1.70
CA LYS A 177 -18.09 30.25 3.04
C LYS A 177 -17.53 29.33 4.12
N LEU A 178 -17.81 28.03 3.98
CA LEU A 178 -17.41 27.04 4.97
C LEU A 178 -15.90 26.88 5.08
N THR A 179 -15.21 26.89 3.94
CA THR A 179 -13.77 26.65 3.92
C THR A 179 -12.96 27.93 3.92
N ALA A 180 -13.63 29.07 4.03
CA ALA A 180 -12.94 30.36 4.07
C ALA A 180 -12.05 30.46 5.29
N LYS A 181 -12.45 29.79 6.37
CA LYS A 181 -11.73 29.87 7.64
C LYS A 181 -10.44 29.06 7.63
N ALA A 182 -10.55 27.74 7.41
CA ALA A 182 -9.41 26.86 7.56
C ALA A 182 -8.82 26.39 6.23
N GLY A 183 -9.57 26.57 5.15
CA GLY A 183 -9.13 26.10 3.85
C GLY A 183 -9.69 24.70 3.57
N TRP A 184 -10.26 24.10 4.61
CA TRP A 184 -10.87 22.79 4.51
C TRP A 184 -11.94 22.65 5.57
N ALA A 185 -12.81 21.64 5.41
CA ALA A 185 -13.89 21.39 6.36
C ALA A 185 -14.55 20.05 6.08
N GLU A 186 -14.99 19.38 7.14
CA GLU A 186 -15.75 18.15 7.00
C GLU A 186 -17.20 18.48 6.63
N VAL A 187 -17.79 17.65 5.79
CA VAL A 187 -19.16 17.87 5.35
C VAL A 187 -20.07 16.77 5.86
N LYS A 188 -21.18 17.16 6.48
CA LYS A 188 -22.17 16.21 6.96
C LYS A 188 -22.77 15.53 5.74
N GLN A 189 -22.80 14.21 5.75
CA GLN A 189 -23.21 13.45 4.57
C GLN A 189 -24.67 13.69 4.16
N GLU A 190 -25.41 14.43 5.00
CA GLU A 190 -26.77 14.80 4.65
C GLU A 190 -26.94 16.30 4.40
N GLU A 191 -25.86 17.06 4.57
CA GLU A 191 -25.84 18.45 4.15
C GLU A 191 -25.04 18.57 2.86
N ILE A 192 -24.98 17.47 2.13
CA ILE A 192 -24.18 17.38 0.92
C ILE A 192 -24.86 18.11 -0.23
N GLU A 193 -26.19 18.18 -0.16
CA GLU A 193 -26.99 18.90 -1.14
C GLU A 193 -26.71 20.39 -1.07
N LYS A 194 -26.34 20.86 0.12
CA LYS A 194 -26.13 22.27 0.38
C LYS A 194 -24.85 22.80 -0.27
N TYR A 195 -23.88 21.93 -0.48
CA TYR A 195 -22.57 22.34 -0.99
C TYR A 195 -22.34 21.88 -2.43
N ALA A 196 -23.32 21.18 -3.00
CA ALA A 196 -23.23 20.72 -4.37
C ALA A 196 -23.42 21.88 -5.35
N GLY A 197 -22.58 21.94 -6.37
CA GLY A 197 -22.64 23.00 -7.36
C GLY A 197 -23.09 22.49 -8.71
N ASP A 198 -22.83 23.29 -9.74
CA ASP A 198 -23.19 22.93 -11.10
C ASP A 198 -22.34 21.78 -11.63
N TYR A 199 -21.08 21.77 -11.23
CA TYR A 199 -20.18 20.68 -11.56
C TYR A 199 -19.51 20.16 -10.29
N ILE A 200 -19.31 18.84 -10.21
CA ILE A 200 -18.71 18.24 -9.02
C ILE A 200 -17.46 17.43 -9.30
N VAL A 201 -16.37 17.81 -8.66
CA VAL A 201 -15.14 17.04 -8.70
C VAL A 201 -15.08 16.07 -7.53
N SER A 202 -15.14 14.78 -7.82
CA SER A 202 -15.19 13.76 -6.78
C SER A 202 -13.95 12.86 -6.84
N THR A 203 -13.24 12.76 -5.73
CA THR A 203 -12.01 12.00 -5.67
C THR A 203 -12.26 10.51 -5.47
N SER A 204 -13.03 9.90 -6.37
CA SER A 204 -13.44 8.51 -6.20
C SER A 204 -13.10 7.62 -7.40
N GLU A 205 -12.22 8.12 -8.27
CA GLU A 205 -11.72 7.33 -9.39
C GLU A 205 -10.96 6.10 -8.89
N GLY A 206 -11.46 4.91 -9.24
CA GLY A 206 -10.83 3.67 -8.83
C GLY A 206 -11.37 3.18 -7.51
N LYS A 207 -11.87 4.12 -6.72
CA LYS A 207 -12.45 3.82 -5.41
C LYS A 207 -13.79 3.11 -5.56
N PRO A 208 -14.05 2.09 -4.72
CA PRO A 208 -15.39 1.49 -4.70
C PRO A 208 -16.40 2.58 -4.38
N THR A 209 -17.57 2.54 -5.01
CA THR A 209 -18.60 3.57 -4.85
C THR A 209 -18.76 4.04 -3.40
N PRO A 210 -18.23 5.24 -3.09
CA PRO A 210 -18.19 5.79 -1.74
C PRO A 210 -19.57 5.95 -1.13
N GLY A 211 -19.63 6.06 0.19
CA GLY A 211 -20.88 6.21 0.91
C GLY A 211 -21.69 7.42 0.47
N TYR A 212 -21.00 8.48 0.07
CA TYR A 212 -21.65 9.71 -0.35
C TYR A 212 -22.12 9.68 -1.81
N GLU A 213 -21.64 8.69 -2.56
CA GLU A 213 -22.01 8.56 -3.98
C GLU A 213 -23.13 7.54 -4.14
N SER A 214 -23.63 7.04 -3.02
CA SER A 214 -24.65 6.00 -3.04
C SER A 214 -25.96 6.50 -2.45
N THR A 215 -25.90 7.58 -1.68
CA THR A 215 -27.10 8.18 -1.11
C THR A 215 -28.04 8.68 -2.20
N ASN A 216 -29.33 8.70 -1.90
CA ASN A 216 -30.33 9.15 -2.87
C ASN A 216 -30.27 10.65 -3.09
N MET A 217 -29.69 11.36 -2.14
CA MET A 217 -29.48 12.80 -2.26
C MET A 217 -28.41 13.11 -3.31
N TRP A 218 -27.48 12.18 -3.46
CA TRP A 218 -26.42 12.32 -4.47
C TRP A 218 -27.00 12.08 -5.85
N LYS A 219 -27.82 11.04 -5.96
CA LYS A 219 -28.46 10.70 -7.22
C LYS A 219 -29.42 11.79 -7.69
N ASN A 220 -29.81 12.66 -6.76
CA ASN A 220 -30.80 13.69 -7.04
C ASN A 220 -30.20 15.09 -7.14
N LEU A 221 -28.88 15.19 -6.99
CA LEU A 221 -28.19 16.46 -7.23
C LEU A 221 -28.31 16.80 -8.71
N LYS A 222 -28.34 18.09 -9.04
CA LYS A 222 -28.51 18.49 -10.43
C LYS A 222 -27.27 18.17 -11.25
N ALA A 223 -26.10 18.16 -10.60
CA ALA A 223 -24.86 17.85 -11.28
C ALA A 223 -24.84 16.39 -11.70
N THR A 224 -25.35 15.53 -10.83
CA THR A 224 -25.48 14.11 -11.14
C THR A 224 -26.47 13.91 -12.28
N LYS A 225 -27.59 14.62 -12.21
CA LYS A 225 -28.64 14.52 -13.22
C LYS A 225 -28.14 15.00 -14.58
N GLU A 226 -27.36 16.09 -14.58
CA GLU A 226 -26.83 16.64 -15.81
C GLU A 226 -25.53 15.97 -16.25
N GLY A 227 -25.08 14.99 -15.47
CA GLY A 227 -23.89 14.25 -15.79
C GLY A 227 -22.66 15.13 -15.64
N HIS A 228 -22.64 15.93 -14.58
CA HIS A 228 -21.56 16.88 -14.37
C HIS A 228 -20.65 16.45 -13.24
N ILE A 229 -20.56 15.15 -13.01
CA ILE A 229 -19.65 14.63 -12.00
C ILE A 229 -18.30 14.35 -12.64
N VAL A 230 -17.25 14.94 -12.07
CA VAL A 230 -15.90 14.73 -12.57
C VAL A 230 -15.13 13.89 -11.57
N LYS A 231 -14.80 12.67 -11.96
CA LYS A 231 -14.12 11.76 -11.04
C LYS A 231 -12.61 11.76 -11.25
N VAL A 232 -11.89 11.85 -10.14
CA VAL A 232 -10.44 11.98 -10.16
C VAL A 232 -9.82 11.09 -9.09
N ASP A 233 -8.56 10.70 -9.29
CA ASP A 233 -7.88 9.87 -8.30
C ASP A 233 -7.50 10.70 -7.08
N ALA A 234 -7.85 10.20 -5.90
CA ALA A 234 -7.63 10.92 -4.66
C ALA A 234 -6.15 11.21 -4.37
N GLY A 235 -5.34 10.15 -4.32
CA GLY A 235 -3.94 10.27 -3.98
C GLY A 235 -3.17 11.18 -4.93
N THR A 236 -3.52 11.11 -6.21
CA THR A 236 -2.91 11.96 -7.22
C THR A 236 -3.29 13.41 -6.99
N TYR A 237 -4.52 13.63 -6.56
CA TYR A 237 -5.06 14.99 -6.43
C TYR A 237 -4.80 15.63 -5.06
N TRP A 238 -4.03 14.95 -4.22
CA TRP A 238 -3.67 15.51 -2.92
C TRP A 238 -2.71 16.69 -3.09
N TYR A 239 -1.99 16.69 -4.21
CA TYR A 239 -0.84 17.59 -4.39
C TYR A 239 -1.13 18.85 -5.19
N ASN A 240 -0.19 19.79 -5.12
CA ASN A 240 -0.27 21.05 -5.87
C ASN A 240 1.09 21.46 -6.42
N ASP A 241 1.92 20.46 -6.73
CA ASP A 241 3.24 20.68 -7.30
C ASP A 241 3.17 20.84 -8.81
N PRO A 242 4.21 21.43 -9.43
CA PRO A 242 4.25 21.67 -10.87
C PRO A 242 3.97 20.44 -11.73
N TYR A 243 4.35 19.25 -11.24
CA TYR A 243 4.06 18.01 -11.95
C TYR A 243 2.56 17.74 -11.89
N THR A 244 2.02 17.76 -10.67
CA THR A 244 0.60 17.53 -10.45
C THR A 244 -0.29 18.59 -11.10
N LEU A 245 0.12 19.85 -10.97
CA LEU A 245 -0.62 20.97 -11.55
C LEU A 245 -0.88 20.81 -13.05
N ASP A 246 0.14 20.40 -13.78
CA ASP A 246 0.03 20.27 -15.23
C ASP A 246 -0.87 19.10 -15.61
N PHE A 247 -0.87 18.05 -14.80
CA PHE A 247 -1.75 16.90 -15.02
C PHE A 247 -3.21 17.26 -14.78
N MET A 248 -3.47 17.87 -13.62
CA MET A 248 -4.82 18.30 -13.27
C MET A 248 -5.34 19.31 -14.27
N ARG A 249 -4.45 20.16 -14.77
CA ARG A 249 -4.79 21.12 -15.81
C ARG A 249 -5.36 20.42 -17.03
N LYS A 250 -4.65 19.39 -17.49
CA LYS A 250 -5.09 18.62 -18.66
C LYS A 250 -6.33 17.79 -18.35
N ASP A 251 -6.35 17.22 -17.16
CA ASP A 251 -7.39 16.28 -16.78
C ASP A 251 -8.72 16.96 -16.53
N LEU A 252 -8.70 18.07 -15.78
CA LEU A 252 -9.93 18.75 -15.41
C LEU A 252 -10.57 19.44 -16.61
N LYS A 253 -9.74 20.02 -17.46
CA LYS A 253 -10.22 20.71 -18.66
C LYS A 253 -11.05 19.82 -19.57
N GLU A 254 -10.57 18.60 -19.79
CA GLU A 254 -11.26 17.68 -20.70
C GLU A 254 -12.49 17.04 -20.06
N LYS A 255 -12.39 16.73 -18.77
CA LYS A 255 -13.49 16.08 -18.07
C LYS A 255 -14.66 17.05 -17.85
N LEU A 256 -14.35 18.32 -17.67
CA LEU A 256 -15.38 19.34 -17.51
C LEU A 256 -16.08 19.64 -18.84
N ILE A 257 -15.30 19.74 -19.91
CA ILE A 257 -15.83 20.07 -21.22
C ILE A 257 -16.66 18.92 -21.79
N LYS A 258 -16.23 17.69 -21.50
CA LYS A 258 -16.99 16.51 -21.92
C LYS A 258 -18.26 16.36 -21.10
N ALA A 259 -18.20 16.78 -19.84
CA ALA A 259 -19.37 16.78 -18.97
C ALA A 259 -20.42 17.77 -19.47
N ALA A 260 -19.97 18.81 -20.18
CA ALA A 260 -20.85 19.86 -20.67
C ALA A 260 -21.62 19.46 -21.93
N LYS A 261 -21.53 18.19 -22.30
CA LYS A 261 -22.21 17.66 -23.49
C LYS A 261 -21.89 18.46 -24.75
N PRO B 6 -17.23 33.56 39.03
CA PRO B 6 -17.71 33.03 37.76
C PRO B 6 -16.89 33.54 36.57
N LYS B 7 -15.57 33.45 36.68
CA LYS B 7 -14.68 33.90 35.61
C LYS B 7 -14.92 33.12 34.31
N ARG B 8 -15.13 33.86 33.23
CA ARG B 8 -15.49 33.25 31.94
C ARG B 8 -14.26 32.67 31.25
N ILE B 9 -14.23 31.34 31.14
CA ILE B 9 -13.09 30.64 30.54
C ILE B 9 -13.40 30.13 29.13
N ALA B 10 -12.45 30.34 28.21
CA ALA B 10 -12.51 29.73 26.90
C ALA B 10 -11.50 28.59 26.80
N VAL B 11 -12.00 27.37 26.63
CA VAL B 11 -11.16 26.19 26.58
C VAL B 11 -10.91 25.70 25.15
N VAL B 12 -9.77 26.09 24.59
CA VAL B 12 -9.42 25.72 23.23
C VAL B 12 -8.85 24.31 23.18
N ALA B 13 -8.13 23.93 24.24
CA ALA B 13 -7.58 22.59 24.36
C ALA B 13 -8.62 21.64 24.98
N PRO B 14 -9.08 20.66 24.18
CA PRO B 14 -10.17 19.76 24.59
C PRO B 14 -9.80 18.85 25.75
N THR B 15 -8.50 18.70 26.00
CA THR B 15 -8.00 17.86 27.08
C THR B 15 -8.50 18.31 28.45
N TYR B 16 -8.65 19.62 28.61
CA TYR B 16 -8.89 20.22 29.92
C TYR B 16 -10.32 20.74 30.09
N ALA B 17 -11.18 20.38 29.15
CA ALA B 17 -12.56 20.84 29.17
C ALA B 17 -13.38 20.18 30.27
N GLY B 18 -13.33 18.85 30.34
CA GLY B 18 -14.10 18.10 31.31
C GLY B 18 -13.66 18.30 32.75
N GLY B 19 -12.37 18.60 32.94
CA GLY B 19 -11.84 18.84 34.26
C GLY B 19 -12.26 20.17 34.84
N LEU B 20 -12.38 21.18 33.98
CA LEU B 20 -12.83 22.50 34.40
C LEU B 20 -14.34 22.51 34.63
N LYS B 21 -15.06 21.84 33.74
CA LYS B 21 -16.50 21.64 33.89
C LYS B 21 -16.80 20.94 35.22
N LYS B 22 -16.04 19.88 35.50
CA LYS B 22 -16.13 19.15 36.75
C LYS B 22 -15.99 20.07 37.97
N LEU B 23 -15.07 21.01 37.89
CA LEU B 23 -14.81 21.92 38.99
C LEU B 23 -15.79 23.08 39.00
N GLY B 24 -16.65 23.14 37.99
CA GLY B 24 -17.73 24.11 37.97
C GLY B 24 -17.37 25.43 37.32
N ALA B 25 -16.35 25.43 36.47
CA ALA B 25 -15.91 26.64 35.80
C ALA B 25 -16.96 27.16 34.82
N ASN B 26 -16.99 28.48 34.64
CA ASN B 26 -17.91 29.10 33.69
C ASN B 26 -17.32 29.06 32.29
N ILE B 27 -17.34 27.88 31.67
CA ILE B 27 -16.79 27.69 30.33
C ILE B 27 -17.74 28.26 29.29
N VAL B 28 -17.36 29.40 28.70
CA VAL B 28 -18.21 30.09 27.74
C VAL B 28 -17.92 29.65 26.31
N ALA B 29 -16.75 29.05 26.10
CA ALA B 29 -16.40 28.48 24.81
C ALA B 29 -15.53 27.24 25.00
N VAL B 30 -15.72 26.25 24.15
CA VAL B 30 -15.02 24.98 24.29
C VAL B 30 -14.76 24.36 22.92
N ASN B 31 -13.65 23.61 22.82
CA ASN B 31 -13.28 22.96 21.57
C ASN B 31 -14.36 22.00 21.06
N GLN B 32 -14.62 22.06 19.76
CA GLN B 32 -15.64 21.24 19.10
C GLN B 32 -15.52 19.75 19.40
N GLN B 33 -14.30 19.29 19.63
CA GLN B 33 -14.01 17.86 19.75
C GLN B 33 -14.60 17.17 20.99
N VAL B 34 -15.15 17.95 21.91
CA VAL B 34 -15.83 17.37 23.07
C VAL B 34 -17.12 16.68 22.63
N ASP B 35 -17.59 17.04 21.43
CA ASP B 35 -18.80 16.47 20.87
C ASP B 35 -18.61 15.03 20.41
N GLN B 36 -17.36 14.61 20.28
CA GLN B 36 -17.06 13.23 19.88
C GLN B 36 -17.21 12.28 21.06
N SER B 37 -17.14 12.83 22.27
CA SER B 37 -17.25 12.03 23.48
C SER B 37 -18.69 11.86 23.94
N LYS B 38 -19.12 10.62 24.14
CA LYS B 38 -20.48 10.34 24.59
C LYS B 38 -20.68 10.72 26.05
N VAL B 39 -19.58 11.06 26.72
CA VAL B 39 -19.66 11.54 28.10
C VAL B 39 -19.65 13.07 28.15
N LEU B 40 -18.81 13.69 27.32
CA LEU B 40 -18.54 15.13 27.44
C LEU B 40 -19.42 16.02 26.57
N LYS B 41 -19.88 15.49 25.44
CA LYS B 41 -20.75 16.25 24.53
C LYS B 41 -22.01 16.71 25.27
N ASP B 42 -22.55 15.83 26.09
CA ASP B 42 -23.73 16.12 26.89
C ASP B 42 -23.46 17.24 27.89
N LYS B 43 -22.24 17.30 28.40
CA LYS B 43 -21.87 18.27 29.43
C LYS B 43 -21.74 19.69 28.90
N PHE B 44 -21.63 19.84 27.58
CA PHE B 44 -21.32 21.14 27.00
C PHE B 44 -22.34 21.63 25.97
N LYS B 45 -23.58 21.16 26.08
CA LYS B 45 -24.63 21.66 25.20
C LYS B 45 -25.10 23.05 25.65
N GLY B 46 -25.13 23.98 24.71
CA GLY B 46 -25.44 25.36 25.00
C GLY B 46 -24.17 26.20 25.09
N VAL B 47 -23.03 25.54 24.98
CA VAL B 47 -21.73 26.22 24.99
C VAL B 47 -21.19 26.35 23.57
N THR B 48 -20.70 27.54 23.23
CA THR B 48 -20.18 27.80 21.89
C THR B 48 -19.01 26.90 21.54
N LYS B 49 -19.09 26.24 20.39
CA LYS B 49 -18.05 25.33 19.94
C LYS B 49 -17.05 26.04 19.04
N ILE B 50 -15.77 25.97 19.42
CA ILE B 50 -14.71 26.49 18.57
C ILE B 50 -13.76 25.39 18.11
N GLY B 51 -13.11 25.62 16.98
CA GLY B 51 -12.04 24.76 16.51
C GLY B 51 -10.75 25.56 16.56
N ASP B 52 -9.65 24.99 16.08
CA ASP B 52 -8.41 25.76 15.99
C ASP B 52 -8.54 26.92 15.02
N GLY B 53 -8.12 28.09 15.47
CA GLY B 53 -8.18 29.29 14.66
C GLY B 53 -9.40 30.16 14.90
N ASP B 54 -10.43 29.61 15.54
CA ASP B 54 -11.65 30.37 15.79
C ASP B 54 -11.45 31.42 16.88
N VAL B 55 -10.53 32.35 16.63
CA VAL B 55 -10.18 33.38 17.59
C VAL B 55 -11.32 34.37 17.82
N GLU B 56 -12.02 34.74 16.75
CA GLU B 56 -13.11 35.69 16.86
C GLU B 56 -14.34 35.07 17.51
N LYS B 57 -14.49 33.76 17.31
CA LYS B 57 -15.53 33.00 18.00
C LYS B 57 -15.28 33.08 19.51
N VAL B 58 -14.01 32.99 19.88
CA VAL B 58 -13.59 33.14 21.26
C VAL B 58 -13.77 34.56 21.75
N ALA B 59 -13.30 35.53 20.95
CA ALA B 59 -13.37 36.94 21.30
C ALA B 59 -14.78 37.43 21.62
N LYS B 60 -15.75 37.10 20.76
CA LYS B 60 -17.12 37.57 20.93
C LYS B 60 -17.80 37.01 22.19
N GLU B 61 -17.41 35.80 22.60
CA GLU B 61 -17.93 35.22 23.84
C GLU B 61 -17.26 35.82 25.08
N LYS B 62 -16.37 36.78 24.84
CA LYS B 62 -15.71 37.56 25.89
C LYS B 62 -15.14 36.74 27.05
N PRO B 63 -14.02 36.03 26.80
CA PRO B 63 -13.40 35.21 27.84
C PRO B 63 -12.54 36.06 28.77
N ASP B 64 -12.46 35.66 30.04
CA ASP B 64 -11.52 36.26 30.97
C ASP B 64 -10.24 35.45 30.97
N LEU B 65 -10.31 34.26 30.36
CA LEU B 65 -9.20 33.33 30.40
C LEU B 65 -9.28 32.36 29.23
N ILE B 66 -8.14 32.15 28.57
CA ILE B 66 -8.08 31.21 27.45
C ILE B 66 -7.08 30.09 27.73
N ILE B 67 -7.48 28.86 27.44
CA ILE B 67 -6.63 27.70 27.68
C ILE B 67 -6.24 27.07 26.36
N VAL B 68 -4.95 27.06 26.06
CA VAL B 68 -4.45 26.51 24.81
C VAL B 68 -3.25 25.60 25.03
N TYR B 69 -2.97 24.75 24.05
CA TYR B 69 -1.78 23.91 24.08
C TYR B 69 -0.54 24.76 23.87
N SER B 70 0.62 24.25 24.31
CA SER B 70 1.87 24.97 24.13
C SER B 70 2.35 24.92 22.68
N THR B 71 1.70 24.08 21.88
CA THR B 71 2.02 23.98 20.47
C THR B 71 0.92 24.63 19.63
N ASP B 72 -0.01 25.30 20.30
CA ASP B 72 -1.08 26.01 19.60
C ASP B 72 -0.47 27.15 18.81
N LYS B 73 -0.87 27.28 17.55
CA LYS B 73 -0.23 28.23 16.64
C LYS B 73 -0.81 29.64 16.74
N ASP B 74 -1.99 29.76 17.31
CA ASP B 74 -2.66 31.06 17.39
C ASP B 74 -2.57 31.68 18.78
N ILE B 75 -1.52 31.32 19.51
CA ILE B 75 -1.34 31.79 20.89
C ILE B 75 -1.29 33.33 20.96
N ALA B 76 -0.55 33.93 20.05
CA ALA B 76 -0.42 35.38 20.02
C ALA B 76 -1.74 36.05 19.67
N ALA B 77 -2.57 35.33 18.92
CA ALA B 77 -3.89 35.83 18.55
C ALA B 77 -4.82 35.82 19.77
N TYR B 78 -4.72 34.78 20.59
CA TYR B 78 -5.55 34.66 21.78
C TYR B 78 -5.10 35.62 22.90
N GLN B 79 -3.81 35.92 22.93
CA GLN B 79 -3.25 36.79 23.95
C GLN B 79 -3.84 38.21 23.87
N ALA B 80 -4.26 38.62 22.69
CA ALA B 80 -4.84 39.94 22.51
C ALA B 80 -6.26 39.99 23.02
N VAL B 81 -6.93 38.84 23.03
CA VAL B 81 -8.32 38.75 23.46
C VAL B 81 -8.44 38.70 24.97
N ALA B 82 -7.73 37.75 25.59
CA ALA B 82 -7.80 37.53 27.02
C ALA B 82 -6.47 36.96 27.51
N PRO B 83 -6.24 36.98 28.84
CA PRO B 83 -5.04 36.34 29.39
C PRO B 83 -4.99 34.86 29.02
N THR B 84 -3.86 34.43 28.48
CA THR B 84 -3.74 33.09 27.92
C THR B 84 -2.87 32.16 28.76
N VAL B 85 -3.49 31.12 29.31
CA VAL B 85 -2.76 30.07 30.01
C VAL B 85 -2.23 29.02 29.05
N VAL B 86 -0.92 28.95 28.92
CA VAL B 86 -0.28 28.01 28.01
C VAL B 86 0.09 26.72 28.73
N VAL B 87 -0.46 25.61 28.27
CA VAL B 87 -0.27 24.32 28.95
C VAL B 87 0.47 23.30 28.10
N ASP B 88 1.60 22.83 28.62
CA ASP B 88 2.33 21.72 28.01
C ASP B 88 1.68 20.41 28.45
N TYR B 89 1.12 19.66 27.50
CA TYR B 89 0.47 18.39 27.82
C TYR B 89 1.41 17.37 28.47
N ASN B 90 2.60 17.21 27.89
CA ASN B 90 3.57 16.23 28.38
C ASN B 90 4.07 16.51 29.79
N LYS B 91 3.86 17.75 30.24
CA LYS B 91 4.43 18.20 31.51
C LYS B 91 3.76 17.56 32.73
N HIS B 92 2.49 17.23 32.61
CA HIS B 92 1.77 16.67 33.74
C HIS B 92 1.05 15.36 33.40
N LYS B 93 1.05 14.43 34.33
CA LYS B 93 0.27 13.20 34.17
C LYS B 93 -1.16 13.44 34.65
N TYR B 94 -2.06 12.52 34.29
CA TYR B 94 -3.50 12.75 34.38
C TYR B 94 -4.05 13.24 35.73
N LEU B 95 -3.41 12.84 36.83
CA LEU B 95 -3.85 13.27 38.15
C LEU B 95 -3.34 14.66 38.49
N GLU B 96 -2.08 14.91 38.17
CA GLU B 96 -1.46 16.21 38.39
C GLU B 96 -2.11 17.27 37.51
N GLN B 97 -2.62 16.84 36.37
CA GLN B 97 -3.30 17.71 35.42
C GLN B 97 -4.58 18.30 35.98
N GLN B 98 -5.32 17.49 36.74
CA GLN B 98 -6.55 17.95 37.37
C GLN B 98 -6.21 18.85 38.55
N GLU B 99 -5.09 18.57 39.20
CA GLU B 99 -4.59 19.42 40.26
C GLU B 99 -4.29 20.83 39.75
N MET B 100 -3.76 20.89 38.53
CA MET B 100 -3.44 22.17 37.90
C MET B 100 -4.72 22.96 37.60
N LEU B 101 -5.72 22.27 37.05
CA LEU B 101 -7.01 22.87 36.79
C LEU B 101 -7.69 23.33 38.08
N GLY B 102 -7.36 22.67 39.18
CA GLY B 102 -7.88 23.05 40.47
C GLY B 102 -7.34 24.39 40.96
N LYS B 103 -6.17 24.75 40.46
CA LYS B 103 -5.56 26.04 40.79
C LYS B 103 -6.21 27.17 40.00
N ILE B 104 -6.43 26.93 38.71
CA ILE B 104 -7.09 27.90 37.83
C ILE B 104 -8.40 28.45 38.39
N VAL B 105 -9.21 27.55 38.95
CA VAL B 105 -10.52 27.94 39.48
C VAL B 105 -10.52 27.98 41.01
N GLY B 106 -9.37 27.77 41.62
CA GLY B 106 -9.22 27.90 43.05
C GLY B 106 -9.88 26.83 43.89
N LYS B 107 -10.27 25.73 43.26
CA LYS B 107 -10.87 24.61 43.97
C LYS B 107 -9.88 23.47 44.18
N GLU B 108 -8.73 23.81 44.77
CA GLU B 108 -7.62 22.88 44.93
C GLU B 108 -7.95 21.73 45.89
N ASP B 109 -8.77 21.99 46.90
CA ASP B 109 -9.08 20.99 47.90
C ASP B 109 -10.19 20.06 47.41
N LYS B 110 -10.97 20.56 46.45
CA LYS B 110 -12.04 19.78 45.85
C LYS B 110 -11.43 18.69 44.98
N VAL B 111 -10.24 18.97 44.46
CA VAL B 111 -9.50 18.02 43.64
C VAL B 111 -8.77 16.99 44.50
N LYS B 112 -8.19 17.46 45.60
CA LYS B 112 -7.45 16.59 46.52
C LYS B 112 -8.36 15.54 47.14
N ALA B 113 -9.65 15.83 47.20
CA ALA B 113 -10.63 14.89 47.74
C ALA B 113 -11.09 13.94 46.64
N TRP B 114 -11.16 14.45 45.41
CA TRP B 114 -11.49 13.64 44.26
C TRP B 114 -10.38 12.64 43.97
N LYS B 115 -9.15 13.12 44.01
CA LYS B 115 -7.97 12.30 43.79
C LYS B 115 -7.92 11.14 44.79
N LYS B 116 -8.15 11.45 46.06
CA LYS B 116 -8.11 10.46 47.13
C LYS B 116 -9.13 9.33 46.91
N ASP B 117 -10.35 9.69 46.54
CA ASP B 117 -11.41 8.71 46.33
C ASP B 117 -11.22 7.92 45.04
N TRP B 118 -10.81 8.62 43.98
CA TRP B 118 -10.54 7.98 42.69
C TRP B 118 -9.45 6.93 42.80
N GLU B 119 -8.35 7.28 43.46
CA GLU B 119 -7.24 6.36 43.65
C GLU B 119 -7.62 5.20 44.55
N GLU B 120 -8.42 5.50 45.57
CA GLU B 120 -8.90 4.48 46.49
C GLU B 120 -9.78 3.46 45.77
N THR B 121 -10.75 3.96 45.01
CA THR B 121 -11.71 3.10 44.31
C THR B 121 -11.05 2.25 43.23
N THR B 122 -10.14 2.85 42.47
CA THR B 122 -9.48 2.17 41.37
C THR B 122 -8.49 1.12 41.86
N ALA B 123 -7.91 1.36 43.04
CA ALA B 123 -7.01 0.39 43.65
C ALA B 123 -7.72 -0.93 43.93
N LYS B 124 -8.92 -0.84 44.51
CA LYS B 124 -9.74 -2.03 44.77
C LYS B 124 -10.26 -2.63 43.46
N ASP B 125 -10.57 -1.76 42.51
CA ASP B 125 -11.00 -2.19 41.19
C ASP B 125 -9.94 -3.05 40.51
N GLY B 126 -8.69 -2.62 40.65
CA GLY B 126 -7.57 -3.34 40.06
C GLY B 126 -7.37 -4.71 40.65
N LYS B 127 -7.49 -4.81 41.97
CA LYS B 127 -7.38 -6.08 42.67
C LYS B 127 -8.43 -7.09 42.21
N GLU B 128 -9.65 -6.61 41.96
CA GLU B 128 -10.73 -7.45 41.49
C GLU B 128 -10.53 -7.91 40.06
N ILE B 129 -10.06 -7.02 39.21
CA ILE B 129 -9.80 -7.35 37.81
C ILE B 129 -8.74 -8.44 37.69
N LYS B 130 -7.72 -8.35 38.53
CA LYS B 130 -6.62 -9.31 38.50
C LYS B 130 -7.06 -10.67 39.01
N LYS B 131 -8.07 -10.67 39.87
CA LYS B 131 -8.64 -11.91 40.36
C LYS B 131 -9.34 -12.66 39.23
N ALA B 132 -9.82 -11.91 38.25
CA ALA B 132 -10.53 -12.49 37.12
C ALA B 132 -9.62 -12.78 35.94
N ILE B 133 -8.65 -11.90 35.69
CA ILE B 133 -7.81 -12.02 34.50
C ILE B 133 -6.39 -12.51 34.79
N GLY B 134 -5.96 -12.40 36.04
CA GLY B 134 -4.61 -12.82 36.41
C GLY B 134 -3.69 -11.68 36.76
N GLN B 135 -2.81 -11.90 37.73
CA GLN B 135 -1.85 -10.90 38.18
C GLN B 135 -0.93 -10.39 37.07
N ASP B 136 -0.39 -11.32 36.29
CA ASP B 136 0.60 -10.97 35.27
C ASP B 136 0.02 -10.96 33.87
N ALA B 137 -1.30 -10.83 33.78
CA ALA B 137 -1.98 -10.70 32.50
C ALA B 137 -1.70 -9.35 31.85
N THR B 138 -1.31 -9.36 30.58
CA THR B 138 -0.98 -8.13 29.87
C THR B 138 -2.18 -7.60 29.08
N VAL B 139 -2.28 -6.28 28.96
CA VAL B 139 -3.34 -5.66 28.18
C VAL B 139 -2.76 -4.73 27.11
N SER B 140 -3.25 -4.85 25.88
CA SER B 140 -2.81 -3.99 24.79
C SER B 140 -3.84 -2.95 24.40
N LEU B 141 -3.38 -1.87 23.78
CA LEU B 141 -4.26 -0.84 23.23
C LEU B 141 -4.05 -0.72 21.73
N PHE B 142 -5.11 -0.97 20.97
CA PHE B 142 -5.06 -0.77 19.52
C PHE B 142 -6.11 0.24 19.08
N ASP B 143 -5.66 1.32 18.47
CA ASP B 143 -6.53 2.43 18.11
C ASP B 143 -6.26 2.89 16.68
N GLU B 144 -7.32 2.91 15.86
CA GLU B 144 -7.20 3.36 14.49
C GLU B 144 -7.75 4.76 14.30
N PHE B 145 -6.99 5.60 13.60
CA PHE B 145 -7.46 6.92 13.20
C PHE B 145 -6.79 7.30 11.89
N ASP B 146 -7.58 7.85 10.98
CA ASP B 146 -7.08 8.26 9.67
C ASP B 146 -6.50 7.06 8.92
N LYS B 147 -7.09 5.88 9.18
CA LYS B 147 -6.64 4.60 8.62
C LYS B 147 -5.25 4.16 9.09
N LYS B 148 -4.71 4.85 10.09
CA LYS B 148 -3.45 4.47 10.69
C LYS B 148 -3.66 3.74 12.01
N LEU B 149 -2.75 2.86 12.37
CA LEU B 149 -2.88 2.08 13.60
C LEU B 149 -1.99 2.64 14.71
N TYR B 150 -2.55 2.77 15.90
CA TYR B 150 -1.81 3.37 17.01
C TYR B 150 -1.92 2.58 18.31
N THR B 151 -0.86 2.63 19.10
CA THR B 151 -0.87 2.14 20.47
C THR B 151 -0.30 3.24 21.37
N TYR B 152 -0.47 3.10 22.68
CA TYR B 152 -0.19 4.21 23.58
C TYR B 152 0.47 3.81 24.89
N GLY B 153 1.09 4.77 25.55
CA GLY B 153 1.63 4.58 26.87
C GLY B 153 0.56 4.69 27.94
N ASP B 154 0.96 5.12 29.14
CA ASP B 154 0.03 5.16 30.27
C ASP B 154 -0.68 6.51 30.43
N ASN B 155 -0.41 7.45 29.55
CA ASN B 155 -0.98 8.79 29.69
C ASN B 155 -1.21 9.51 28.36
N TRP B 156 -1.83 8.81 27.42
CA TRP B 156 -2.19 9.41 26.14
C TRP B 156 -3.63 9.09 25.75
N GLY B 157 -4.50 9.02 26.74
CA GLY B 157 -5.90 8.70 26.50
C GLY B 157 -6.11 7.23 26.20
N ARG B 158 -7.28 6.92 25.65
CA ARG B 158 -7.61 5.56 25.19
C ARG B 158 -7.71 4.55 26.33
N GLY B 159 -7.88 5.05 27.55
CA GLY B 159 -8.06 4.19 28.70
C GLY B 159 -6.77 3.87 29.42
N GLY B 160 -5.65 4.32 28.85
CA GLY B 160 -4.33 4.01 29.38
C GLY B 160 -4.09 4.38 30.83
N GLU B 161 -4.58 5.54 31.26
CA GLU B 161 -4.39 5.98 32.64
C GLU B 161 -5.25 5.21 33.62
N VAL B 162 -6.39 4.70 33.14
CA VAL B 162 -7.22 3.82 33.95
C VAL B 162 -6.65 2.41 33.96
N LEU B 163 -6.42 1.86 32.77
CA LEU B 163 -5.86 0.52 32.62
C LEU B 163 -4.51 0.34 33.32
N TYR B 164 -3.57 1.23 33.04
CA TYR B 164 -2.19 1.03 33.46
C TYR B 164 -1.78 1.75 34.76
N GLN B 165 -2.34 2.92 34.99
CA GLN B 165 -1.98 3.69 36.19
C GLN B 165 -2.96 3.44 37.33
N ALA B 166 -4.25 3.61 37.06
CA ALA B 166 -5.28 3.42 38.07
C ALA B 166 -5.40 1.96 38.50
N PHE B 167 -5.79 1.11 37.55
CA PHE B 167 -5.97 -0.32 37.85
C PHE B 167 -4.65 -1.00 38.18
N GLY B 168 -3.58 -0.55 37.55
CA GLY B 168 -2.26 -1.13 37.76
C GLY B 168 -2.04 -2.41 36.95
N LEU B 169 -2.82 -2.57 35.89
CA LEU B 169 -2.67 -3.73 35.00
C LEU B 169 -1.35 -3.66 34.25
N LYS B 170 -0.87 -4.81 33.80
CA LYS B 170 0.41 -4.87 33.10
C LYS B 170 0.26 -4.47 31.63
N MET B 171 1.08 -3.52 31.20
CA MET B 171 1.10 -3.10 29.81
C MET B 171 1.94 -4.07 29.00
N GLN B 172 1.46 -4.42 27.80
CA GLN B 172 2.19 -5.30 26.90
C GLN B 172 3.62 -4.82 26.70
N PRO B 173 4.60 -5.70 26.98
CA PRO B 173 6.03 -5.38 27.02
C PRO B 173 6.54 -4.63 25.79
N GLU B 174 6.07 -5.01 24.60
CA GLU B 174 6.53 -4.38 23.37
C GLU B 174 5.82 -3.06 23.13
N GLN B 175 4.57 -2.97 23.60
CA GLN B 175 3.82 -1.72 23.53
C GLN B 175 4.46 -0.68 24.42
N GLN B 176 4.96 -1.12 25.57
CA GLN B 176 5.61 -0.23 26.54
C GLN B 176 6.95 0.28 25.99
N LYS B 177 7.69 -0.62 25.35
CA LYS B 177 8.97 -0.27 24.76
C LYS B 177 8.78 0.76 23.64
N LEU B 178 7.79 0.49 22.78
CA LEU B 178 7.50 1.34 21.64
C LEU B 178 7.04 2.74 22.04
N THR B 179 6.20 2.82 23.07
CA THR B 179 5.60 4.10 23.48
C THR B 179 6.33 4.81 24.62
N ALA B 180 7.45 4.24 25.05
CA ALA B 180 8.23 4.84 26.13
C ALA B 180 8.75 6.22 25.76
N LYS B 181 9.00 6.41 24.45
CA LYS B 181 9.57 7.66 23.95
C LYS B 181 8.57 8.82 23.93
N ALA B 182 7.48 8.66 23.19
CA ALA B 182 6.54 9.75 22.97
C ALA B 182 5.23 9.60 23.76
N GLY B 183 4.97 8.40 24.28
CA GLY B 183 3.72 8.13 24.94
C GLY B 183 2.72 7.53 23.97
N TRP B 184 3.09 7.58 22.69
CA TRP B 184 2.27 7.02 21.62
C TRP B 184 3.18 6.66 20.46
N ALA B 185 2.65 5.87 19.53
CA ALA B 185 3.41 5.44 18.36
C ALA B 185 2.52 4.73 17.35
N GLU B 186 2.83 4.90 16.07
CA GLU B 186 2.11 4.18 15.03
C GLU B 186 2.63 2.75 14.95
N VAL B 187 1.71 1.82 14.72
CA VAL B 187 2.08 0.41 14.61
C VAL B 187 1.76 -0.07 13.19
N LYS B 188 2.72 -0.72 12.56
CA LYS B 188 2.51 -1.29 11.24
C LYS B 188 1.48 -2.40 11.35
N GLN B 189 0.48 -2.36 10.47
CA GLN B 189 -0.65 -3.28 10.55
C GLN B 189 -0.27 -4.75 10.41
N GLU B 190 0.99 -5.03 10.09
CA GLU B 190 1.45 -6.41 9.98
C GLU B 190 2.45 -6.83 11.06
N GLU B 191 2.79 -5.89 11.94
CA GLU B 191 3.59 -6.21 13.13
C GLU B 191 2.68 -6.23 14.36
N ILE B 192 1.40 -6.47 14.14
CA ILE B 192 0.40 -6.37 15.19
C ILE B 192 0.43 -7.56 16.16
N GLU B 193 0.91 -8.71 15.69
CA GLU B 193 1.05 -9.89 16.54
C GLU B 193 2.07 -9.63 17.64
N LYS B 194 3.02 -8.75 17.33
CA LYS B 194 4.11 -8.41 18.23
C LYS B 194 3.63 -7.58 19.43
N TYR B 195 2.53 -6.87 19.26
CA TYR B 195 2.04 -5.96 20.28
C TYR B 195 0.75 -6.46 20.93
N ALA B 196 0.25 -7.59 20.45
CA ALA B 196 -0.95 -8.19 21.02
C ALA B 196 -0.63 -8.85 22.37
N GLY B 197 -1.48 -8.62 23.35
CA GLY B 197 -1.28 -9.17 24.68
C GLY B 197 -2.32 -10.22 25.00
N ASP B 198 -2.46 -10.53 26.28
CA ASP B 198 -3.44 -11.51 26.73
C ASP B 198 -4.83 -10.93 26.54
N TYR B 199 -4.95 -9.63 26.76
CA TYR B 199 -6.20 -8.91 26.52
C TYR B 199 -5.95 -7.70 25.64
N ILE B 200 -6.89 -7.42 24.73
CA ILE B 200 -6.75 -6.28 23.84
C ILE B 200 -7.93 -5.32 23.94
N VAL B 201 -7.65 -4.08 24.28
CA VAL B 201 -8.67 -3.03 24.26
C VAL B 201 -8.64 -2.31 22.91
N SER B 202 -9.73 -2.47 22.15
CA SER B 202 -9.79 -1.94 20.80
C SER B 202 -10.86 -0.86 20.66
N THR B 203 -10.47 0.30 20.15
CA THR B 203 -11.37 1.44 20.04
C THR B 203 -12.24 1.35 18.78
N SER B 204 -13.00 0.28 18.65
CA SER B 204 -13.76 0.05 17.43
C SER B 204 -15.25 -0.20 17.68
N GLU B 205 -15.70 0.11 18.90
CA GLU B 205 -17.12 0.03 19.22
C GLU B 205 -17.94 0.97 18.34
N GLY B 206 -18.82 0.39 17.53
CA GLY B 206 -19.68 1.16 16.64
C GLY B 206 -19.03 1.39 15.29
N LYS B 207 -17.70 1.36 15.27
CA LYS B 207 -16.94 1.53 14.05
C LYS B 207 -17.06 0.27 13.19
N PRO B 208 -17.23 0.43 11.86
CA PRO B 208 -17.20 -0.71 10.93
C PRO B 208 -15.87 -1.40 11.07
N THR B 209 -15.84 -2.73 10.99
CA THR B 209 -14.62 -3.52 11.19
C THR B 209 -13.39 -2.90 10.56
N PRO B 210 -12.53 -2.28 11.39
CA PRO B 210 -11.33 -1.57 10.94
C PRO B 210 -10.39 -2.49 10.17
N GLY B 211 -9.49 -1.90 9.41
CA GLY B 211 -8.53 -2.65 8.61
C GLY B 211 -7.70 -3.61 9.43
N TYR B 212 -7.43 -3.26 10.69
CA TYR B 212 -6.61 -4.09 11.55
C TYR B 212 -7.39 -5.22 12.21
N GLU B 213 -8.71 -5.15 12.13
CA GLU B 213 -9.58 -6.18 12.71
C GLU B 213 -10.08 -7.17 11.67
N SER B 214 -9.60 -7.04 10.44
CA SER B 214 -10.07 -7.88 9.35
C SER B 214 -8.96 -8.79 8.82
N THR B 215 -7.72 -8.45 9.11
CA THR B 215 -6.58 -9.26 8.70
C THR B 215 -6.63 -10.64 9.36
N ASN B 216 -6.03 -11.62 8.70
CA ASN B 216 -6.01 -12.98 9.24
C ASN B 216 -5.09 -13.06 10.45
N MET B 217 -4.18 -12.10 10.55
CA MET B 217 -3.30 -12.01 11.70
C MET B 217 -4.08 -11.57 12.94
N TRP B 218 -5.13 -10.79 12.74
CA TRP B 218 -5.99 -10.37 13.83
C TRP B 218 -6.87 -11.52 14.28
N LYS B 219 -7.42 -12.24 13.31
CA LYS B 219 -8.29 -13.38 13.57
C LYS B 219 -7.54 -14.49 14.31
N ASN B 220 -6.22 -14.44 14.25
CA ASN B 220 -5.39 -15.50 14.82
C ASN B 220 -4.62 -15.09 16.08
N LEU B 221 -4.83 -13.87 16.55
CA LEU B 221 -4.26 -13.44 17.82
C LEU B 221 -4.89 -14.27 18.93
N LYS B 222 -4.14 -14.54 19.99
CA LYS B 222 -4.65 -15.40 21.06
C LYS B 222 -5.76 -14.69 21.85
N ALA B 223 -5.68 -13.37 21.89
CA ALA B 223 -6.70 -12.58 22.57
C ALA B 223 -8.01 -12.68 21.79
N THR B 224 -7.88 -12.66 20.46
CA THR B 224 -9.02 -12.84 19.57
C THR B 224 -9.60 -14.25 19.68
N LYS B 225 -8.71 -15.25 19.70
CA LYS B 225 -9.13 -16.65 19.76
C LYS B 225 -9.89 -16.99 21.04
N GLU B 226 -9.38 -16.52 22.18
CA GLU B 226 -10.01 -16.79 23.46
C GLU B 226 -11.09 -15.77 23.83
N GLY B 227 -11.34 -14.84 22.91
CA GLY B 227 -12.37 -13.83 23.11
C GLY B 227 -12.03 -12.77 24.14
N HIS B 228 -10.79 -12.28 24.10
CA HIS B 228 -10.32 -11.31 25.08
C HIS B 228 -10.20 -9.91 24.47
N ILE B 229 -11.01 -9.64 23.46
CA ILE B 229 -11.04 -8.31 22.86
C ILE B 229 -12.10 -7.43 23.52
N VAL B 230 -11.67 -6.27 24.00
CA VAL B 230 -12.58 -5.32 24.62
C VAL B 230 -12.77 -4.11 23.72
N LYS B 231 -13.98 -3.94 23.19
CA LYS B 231 -14.25 -2.84 22.28
C LYS B 231 -14.89 -1.65 22.97
N VAL B 232 -14.37 -0.47 22.68
CA VAL B 232 -14.80 0.77 23.32
C VAL B 232 -14.95 1.88 22.29
N ASP B 233 -15.76 2.88 22.61
CA ASP B 233 -15.98 3.99 21.69
C ASP B 233 -14.75 4.90 21.63
N ALA B 234 -14.28 5.16 20.42
CA ALA B 234 -13.05 5.92 20.20
C ALA B 234 -13.12 7.36 20.73
N GLY B 235 -14.09 8.12 20.25
CA GLY B 235 -14.23 9.52 20.61
C GLY B 235 -14.36 9.75 22.09
N THR B 236 -15.09 8.85 22.76
CA THR B 236 -15.24 8.91 24.21
C THR B 236 -13.91 8.67 24.92
N TYR B 237 -13.10 7.78 24.36
CA TYR B 237 -11.88 7.34 25.02
C TYR B 237 -10.64 8.18 24.72
N TRP B 238 -10.80 9.28 23.98
CA TRP B 238 -9.67 10.15 23.72
C TRP B 238 -9.23 10.86 25.00
N TYR B 239 -10.16 10.98 25.94
CA TYR B 239 -9.99 11.86 27.10
C TYR B 239 -9.48 11.19 28.36
N ASN B 240 -9.04 12.01 29.31
CA ASN B 240 -8.59 11.55 30.61
C ASN B 240 -9.04 12.48 31.74
N ASP B 241 -10.18 13.12 31.54
CA ASP B 241 -10.76 14.02 32.54
C ASP B 241 -11.57 13.20 33.53
N PRO B 242 -11.86 13.77 34.72
CA PRO B 242 -12.60 13.05 35.77
C PRO B 242 -13.92 12.43 35.30
N TYR B 243 -14.58 13.05 34.33
CA TYR B 243 -15.82 12.51 33.79
C TYR B 243 -15.56 11.25 32.96
N THR B 244 -14.64 11.37 32.00
CA THR B 244 -14.27 10.26 31.14
C THR B 244 -13.63 9.13 31.94
N LEU B 245 -12.75 9.49 32.87
CA LEU B 245 -12.11 8.53 33.75
C LEU B 245 -13.13 7.66 34.48
N ASP B 246 -14.19 8.30 34.95
CA ASP B 246 -15.21 7.60 35.72
C ASP B 246 -16.01 6.62 34.85
N PHE B 247 -16.22 6.99 33.59
CA PHE B 247 -16.90 6.11 32.65
C PHE B 247 -16.04 4.90 32.30
N MET B 248 -14.81 5.17 31.91
CA MET B 248 -13.86 4.12 31.53
C MET B 248 -13.60 3.17 32.69
N ARG B 249 -13.58 3.71 33.90
CA ARG B 249 -13.41 2.89 35.10
C ARG B 249 -14.46 1.79 35.18
N LYS B 250 -15.72 2.17 35.08
CA LYS B 250 -16.82 1.20 35.11
C LYS B 250 -16.84 0.34 33.85
N ASP B 251 -16.54 0.96 32.71
CA ASP B 251 -16.67 0.31 31.42
C ASP B 251 -15.62 -0.77 31.22
N LEU B 252 -14.37 -0.44 31.50
CA LEU B 252 -13.26 -1.37 31.28
C LEU B 252 -13.28 -2.50 32.31
N LYS B 253 -13.60 -2.15 33.55
CA LYS B 253 -13.62 -3.11 34.65
C LYS B 253 -14.54 -4.29 34.40
N GLU B 254 -15.77 -4.02 33.97
CA GLU B 254 -16.76 -5.06 33.75
C GLU B 254 -16.57 -5.77 32.41
N LYS B 255 -16.11 -5.03 31.40
CA LYS B 255 -15.88 -5.61 30.08
C LYS B 255 -14.68 -6.57 30.09
N LEU B 256 -13.68 -6.26 30.92
CA LEU B 256 -12.50 -7.12 31.04
C LEU B 256 -12.85 -8.40 31.79
N ILE B 257 -13.67 -8.27 32.83
CA ILE B 257 -14.06 -9.40 33.67
C ILE B 257 -14.95 -10.39 32.91
N LYS B 258 -15.78 -9.89 32.02
CA LYS B 258 -16.65 -10.73 31.21
C LYS B 258 -15.86 -11.51 30.17
N ALA B 259 -14.81 -10.90 29.65
CA ALA B 259 -13.91 -11.58 28.73
C ALA B 259 -13.17 -12.71 29.42
N ALA B 260 -13.00 -12.59 30.73
CA ALA B 260 -12.25 -13.56 31.51
C ALA B 260 -13.05 -14.83 31.84
N LYS B 261 -14.22 -14.99 31.24
CA LYS B 261 -15.02 -16.18 31.44
C LYS B 261 -14.76 -17.22 30.36
N PRO C 6 -14.56 -14.12 -17.93
CA PRO C 6 -13.18 -13.70 -17.63
C PRO C 6 -12.16 -14.55 -18.38
N LYS C 7 -12.36 -14.72 -19.67
CA LYS C 7 -11.47 -15.52 -20.51
C LYS C 7 -10.04 -14.99 -20.51
N ARG C 8 -9.10 -15.86 -20.18
CA ARG C 8 -7.70 -15.49 -19.96
C ARG C 8 -6.93 -15.30 -21.27
N ILE C 9 -6.52 -14.06 -21.53
CA ILE C 9 -5.78 -13.73 -22.73
C ILE C 9 -4.30 -13.51 -22.45
N ALA C 10 -3.45 -14.11 -23.28
CA ALA C 10 -2.01 -13.82 -23.25
C ALA C 10 -1.64 -12.96 -24.45
N VAL C 11 -1.20 -11.74 -24.20
CA VAL C 11 -0.86 -10.80 -25.26
C VAL C 11 0.64 -10.72 -25.54
N VAL C 12 1.10 -11.46 -26.54
CA VAL C 12 2.50 -11.47 -26.91
C VAL C 12 2.83 -10.27 -27.79
N ALA C 13 1.87 -9.87 -28.62
CA ALA C 13 2.02 -8.71 -29.47
C ALA C 13 1.62 -7.43 -28.73
N PRO C 14 2.58 -6.53 -28.48
CA PRO C 14 2.39 -5.36 -27.62
C PRO C 14 1.39 -4.32 -28.17
N THR C 15 1.11 -4.38 -29.47
CA THR C 15 0.18 -3.44 -30.10
C THR C 15 -1.22 -3.52 -29.48
N TYR C 16 -1.61 -4.71 -29.06
CA TYR C 16 -3.01 -4.98 -28.71
C TYR C 16 -3.25 -5.11 -27.21
N ALA C 17 -2.23 -4.76 -26.42
CA ALA C 17 -2.33 -4.87 -24.96
C ALA C 17 -3.26 -3.81 -24.37
N GLY C 18 -3.03 -2.56 -24.72
CA GLY C 18 -3.80 -1.45 -24.17
C GLY C 18 -5.25 -1.43 -24.62
N GLY C 19 -5.52 -1.97 -25.79
CA GLY C 19 -6.88 -2.00 -26.31
C GLY C 19 -7.74 -3.04 -25.59
N LEU C 20 -7.10 -4.14 -25.20
CA LEU C 20 -7.79 -5.20 -24.46
C LEU C 20 -7.98 -4.81 -22.99
N LYS C 21 -6.94 -4.20 -22.41
CA LYS C 21 -7.03 -3.65 -21.06
C LYS C 21 -8.16 -2.63 -20.94
N LYS C 22 -8.24 -1.74 -21.92
CA LYS C 22 -9.31 -0.75 -21.99
C LYS C 22 -10.68 -1.44 -21.95
N LEU C 23 -10.78 -2.55 -22.67
CA LEU C 23 -12.04 -3.30 -22.73
C LEU C 23 -12.22 -4.25 -21.56
N GLY C 24 -11.21 -4.36 -20.71
CA GLY C 24 -11.33 -5.12 -19.48
C GLY C 24 -10.96 -6.59 -19.59
N ALA C 25 -10.13 -6.93 -20.56
CA ALA C 25 -9.74 -8.32 -20.80
C ALA C 25 -8.92 -8.89 -19.63
N ASN C 26 -9.05 -10.20 -19.42
CA ASN C 26 -8.29 -10.89 -18.38
C ASN C 26 -6.89 -11.24 -18.88
N ILE C 27 -6.04 -10.23 -18.98
CA ILE C 27 -4.68 -10.41 -19.47
C ILE C 27 -3.76 -11.04 -18.44
N VAL C 28 -3.43 -12.31 -18.64
CA VAL C 28 -2.62 -13.07 -17.69
C VAL C 28 -1.13 -13.00 -18.04
N ALA C 29 -0.83 -12.65 -19.28
CA ALA C 29 0.54 -12.44 -19.72
C ALA C 29 0.59 -11.35 -20.79
N VAL C 30 1.66 -10.56 -20.78
CA VAL C 30 1.78 -9.42 -21.69
C VAL C 30 3.24 -9.17 -22.05
N ASN C 31 3.47 -8.69 -23.26
CA ASN C 31 4.82 -8.39 -23.73
C ASN C 31 5.51 -7.36 -22.84
N GLN C 32 6.77 -7.63 -22.50
CA GLN C 32 7.57 -6.76 -21.64
C GLN C 32 7.62 -5.30 -22.11
N GLN C 33 7.47 -5.10 -23.41
CA GLN C 33 7.65 -3.78 -24.01
C GLN C 33 6.62 -2.74 -23.57
N VAL C 34 5.57 -3.18 -22.89
CA VAL C 34 4.58 -2.26 -22.35
C VAL C 34 5.17 -1.47 -21.18
N ASP C 35 6.24 -1.99 -20.59
CA ASP C 35 6.91 -1.35 -19.48
C ASP C 35 7.67 -0.10 -19.93
N GLN C 36 7.89 0.01 -21.24
CA GLN C 36 8.58 1.16 -21.81
C GLN C 36 7.64 2.35 -21.94
N SER C 37 6.35 2.07 -21.97
CA SER C 37 5.33 3.12 -22.11
C SER C 37 4.92 3.68 -20.76
N LYS C 38 5.03 5.00 -20.61
CA LYS C 38 4.66 5.66 -19.37
C LYS C 38 3.14 5.73 -19.18
N VAL C 39 2.42 5.29 -20.20
CA VAL C 39 0.96 5.17 -20.13
C VAL C 39 0.57 3.74 -19.77
N LEU C 40 1.28 2.77 -20.35
CA LEU C 40 0.88 1.37 -20.26
C LEU C 40 1.51 0.61 -19.11
N LYS C 41 2.69 1.05 -18.67
CA LYS C 41 3.40 0.41 -17.56
C LYS C 41 2.52 0.34 -16.31
N ASP C 42 1.83 1.43 -16.03
CA ASP C 42 0.93 1.51 -14.88
C ASP C 42 -0.24 0.53 -15.00
N LYS C 43 -0.70 0.32 -16.21
CA LYS C 43 -1.88 -0.51 -16.45
C LYS C 43 -1.61 -2.01 -16.30
N PHE C 44 -0.33 -2.40 -16.30
CA PHE C 44 0.02 -3.82 -16.33
C PHE C 44 0.93 -4.28 -15.20
N LYS C 45 0.92 -3.59 -14.07
CA LYS C 45 1.69 -4.05 -12.92
C LYS C 45 0.97 -5.19 -12.19
N GLY C 46 1.69 -6.28 -11.97
CA GLY C 46 1.11 -7.48 -11.38
C GLY C 46 0.81 -8.52 -12.44
N VAL C 47 1.02 -8.15 -13.70
CA VAL C 47 0.81 -9.07 -14.82
C VAL C 47 2.16 -9.62 -15.29
N THR C 48 2.22 -10.93 -15.51
CA THR C 48 3.45 -11.60 -15.92
C THR C 48 3.99 -11.07 -17.25
N LYS C 49 5.27 -10.72 -17.27
CA LYS C 49 5.93 -10.19 -18.46
C LYS C 49 6.62 -11.27 -19.28
N ILE C 50 6.26 -11.37 -20.55
CA ILE C 50 6.95 -12.24 -21.49
C ILE C 50 7.60 -11.45 -22.61
N GLY C 51 8.66 -12.02 -23.20
CA GLY C 51 9.27 -11.48 -24.40
C GLY C 51 9.03 -12.48 -25.51
N ASP C 52 9.57 -12.21 -26.71
CA ASP C 52 9.47 -13.17 -27.80
C ASP C 52 10.27 -14.42 -27.45
N GLY C 53 9.65 -15.59 -27.67
CA GLY C 53 10.29 -16.85 -27.35
C GLY C 53 9.88 -17.41 -26.00
N ASP C 54 9.32 -16.56 -25.14
CA ASP C 54 8.89 -17.00 -23.81
C ASP C 54 7.60 -17.82 -23.90
N VAL C 55 7.66 -18.93 -24.63
CA VAL C 55 6.49 -19.78 -24.82
C VAL C 55 6.07 -20.47 -23.54
N GLU C 56 7.05 -20.92 -22.76
CA GLU C 56 6.77 -21.62 -21.52
C GLU C 56 6.26 -20.67 -20.43
N LYS C 57 6.74 -19.44 -20.46
CA LYS C 57 6.21 -18.41 -19.57
C LYS C 57 4.74 -18.16 -19.85
N VAL C 58 4.38 -18.14 -21.13
CA VAL C 58 3.00 -17.98 -21.55
C VAL C 58 2.19 -19.20 -21.13
N ALA C 59 2.73 -20.39 -21.40
CA ALA C 59 2.10 -21.64 -21.04
C ALA C 59 1.77 -21.72 -19.55
N LYS C 60 2.71 -21.32 -18.72
CA LYS C 60 2.55 -21.40 -17.27
C LYS C 60 1.40 -20.57 -16.70
N GLU C 61 1.12 -19.44 -17.34
CA GLU C 61 0.01 -18.59 -16.91
C GLU C 61 -1.35 -19.13 -17.39
N LYS C 62 -1.31 -20.28 -18.06
CA LYS C 62 -2.51 -20.97 -18.54
C LYS C 62 -3.52 -20.06 -19.23
N PRO C 63 -3.19 -19.63 -20.46
CA PRO C 63 -4.06 -18.74 -21.22
C PRO C 63 -5.17 -19.50 -21.94
N ASP C 64 -6.32 -18.84 -22.12
CA ASP C 64 -7.39 -19.38 -22.95
C ASP C 64 -7.19 -18.88 -24.37
N LEU C 65 -6.31 -17.88 -24.52
CA LEU C 65 -6.13 -17.21 -25.80
C LEU C 65 -4.76 -16.55 -25.89
N ILE C 66 -4.10 -16.74 -27.02
CA ILE C 66 -2.80 -16.11 -27.26
C ILE C 66 -2.86 -15.23 -28.49
N ILE C 67 -2.35 -14.01 -28.38
CA ILE C 67 -2.36 -13.04 -29.47
C ILE C 67 -0.95 -12.74 -29.95
N VAL C 68 -0.65 -13.07 -31.20
CA VAL C 68 0.68 -12.84 -31.77
C VAL C 68 0.61 -12.19 -33.15
N TYR C 69 1.71 -11.59 -33.57
CA TYR C 69 1.81 -11.05 -34.91
C TYR C 69 1.92 -12.20 -35.91
N SER C 70 1.55 -11.94 -37.16
CA SER C 70 1.60 -12.94 -38.21
C SER C 70 3.01 -13.29 -38.66
N THR C 71 3.99 -12.52 -38.20
CA THR C 71 5.38 -12.78 -38.53
C THR C 71 6.13 -13.42 -37.37
N ASP C 72 5.39 -13.78 -36.32
CA ASP C 72 5.97 -14.45 -35.17
C ASP C 72 6.43 -15.85 -35.55
N LYS C 73 7.65 -16.20 -35.15
CA LYS C 73 8.26 -17.46 -35.57
C LYS C 73 7.86 -18.64 -34.70
N ASP C 74 7.31 -18.36 -33.53
CA ASP C 74 6.96 -19.40 -32.57
C ASP C 74 5.46 -19.72 -32.57
N ILE C 75 4.80 -19.47 -33.70
CA ILE C 75 3.36 -19.66 -33.80
C ILE C 75 2.92 -21.09 -33.48
N ALA C 76 3.65 -22.06 -34.01
CA ALA C 76 3.32 -23.46 -33.79
C ALA C 76 3.50 -23.85 -32.33
N ALA C 77 4.40 -23.16 -31.64
CA ALA C 77 4.62 -23.37 -30.22
C ALA C 77 3.44 -22.83 -29.41
N TYR C 78 2.92 -21.67 -29.80
CA TYR C 78 1.79 -21.07 -29.10
C TYR C 78 0.51 -21.82 -29.42
N GLN C 79 0.44 -22.40 -30.63
CA GLN C 79 -0.72 -23.16 -31.05
C GLN C 79 -0.93 -24.39 -30.17
N ALA C 80 0.17 -24.90 -29.61
CA ALA C 80 0.13 -26.07 -28.74
C ALA C 80 -0.40 -25.71 -27.34
N VAL C 81 -0.18 -24.47 -26.94
CA VAL C 81 -0.56 -24.02 -25.61
C VAL C 81 -2.04 -23.66 -25.51
N ALA C 82 -2.47 -22.76 -26.38
CA ALA C 82 -3.84 -22.25 -26.36
C ALA C 82 -4.25 -21.83 -27.76
N PRO C 83 -5.55 -21.60 -27.99
CA PRO C 83 -5.97 -21.08 -29.29
C PRO C 83 -5.25 -19.77 -29.60
N THR C 84 -4.63 -19.70 -30.76
CA THR C 84 -3.78 -18.57 -31.10
C THR C 84 -4.40 -17.69 -32.18
N VAL C 85 -4.74 -16.46 -31.82
CA VAL C 85 -5.24 -15.50 -32.79
C VAL C 85 -4.05 -14.80 -33.46
N VAL C 86 -3.88 -15.06 -34.75
CA VAL C 86 -2.77 -14.50 -35.51
C VAL C 86 -3.22 -13.21 -36.18
N VAL C 87 -2.54 -12.11 -35.85
CA VAL C 87 -2.98 -10.79 -36.32
C VAL C 87 -1.97 -10.14 -37.26
N ASP C 88 -2.44 -9.81 -38.46
CA ASP C 88 -1.66 -9.03 -39.41
C ASP C 88 -1.77 -7.56 -39.04
N TYR C 89 -0.65 -6.95 -38.67
CA TYR C 89 -0.63 -5.54 -38.29
C TYR C 89 -1.16 -4.63 -39.40
N ASN C 90 -0.69 -4.85 -40.62
CA ASN C 90 -1.06 -4.01 -41.76
C ASN C 90 -2.54 -4.10 -42.15
N LYS C 91 -3.23 -5.13 -41.66
CA LYS C 91 -4.58 -5.43 -42.14
C LYS C 91 -5.62 -4.40 -41.68
N HIS C 92 -5.44 -3.85 -40.48
CA HIS C 92 -6.36 -2.85 -39.95
C HIS C 92 -5.64 -1.61 -39.40
N LYS C 93 -6.27 -0.46 -39.62
CA LYS C 93 -5.78 0.79 -39.07
C LYS C 93 -6.29 0.96 -37.63
N TYR C 94 -5.71 1.93 -36.92
CA TYR C 94 -5.85 2.04 -35.46
C TYR C 94 -7.27 2.00 -34.89
N LEU C 95 -8.25 2.48 -35.65
CA LEU C 95 -9.63 2.44 -35.18
C LEU C 95 -10.29 1.10 -35.48
N GLU C 96 -10.06 0.58 -36.68
CA GLU C 96 -10.61 -0.72 -37.06
C GLU C 96 -9.94 -1.82 -36.24
N GLN C 97 -8.70 -1.57 -35.84
CA GLN C 97 -7.94 -2.49 -35.00
C GLN C 97 -8.61 -2.60 -33.64
N GLN C 98 -9.16 -1.50 -33.15
CA GLN C 98 -9.88 -1.48 -31.89
C GLN C 98 -11.23 -2.18 -32.02
N GLU C 99 -11.82 -2.08 -33.21
CA GLU C 99 -13.04 -2.81 -33.51
C GLU C 99 -12.82 -4.32 -33.45
N MET C 100 -11.66 -4.75 -33.93
CA MET C 100 -11.30 -6.17 -33.95
C MET C 100 -11.12 -6.72 -32.54
N LEU C 101 -10.40 -5.98 -31.69
CA LEU C 101 -10.24 -6.37 -30.30
C LEU C 101 -11.58 -6.41 -29.56
N GLY C 102 -12.53 -5.60 -30.02
CA GLY C 102 -13.86 -5.60 -29.46
C GLY C 102 -14.62 -6.88 -29.77
N LYS C 103 -14.23 -7.54 -30.85
CA LYS C 103 -14.82 -8.82 -31.23
C LYS C 103 -14.27 -9.94 -30.35
N ILE C 104 -12.95 -9.93 -30.17
CA ILE C 104 -12.27 -10.93 -29.34
C ILE C 104 -12.90 -11.09 -27.96
N VAL C 105 -13.25 -9.97 -27.32
CA VAL C 105 -13.82 -10.00 -25.98
C VAL C 105 -15.33 -9.72 -25.97
N GLY C 106 -15.92 -9.59 -27.16
CA GLY C 106 -17.35 -9.44 -27.30
C GLY C 106 -17.92 -8.11 -26.86
N LYS C 107 -17.07 -7.11 -26.69
CA LYS C 107 -17.52 -5.76 -26.33
C LYS C 107 -17.50 -4.85 -27.55
N GLU C 108 -18.12 -5.31 -28.63
CA GLU C 108 -18.09 -4.61 -29.91
C GLU C 108 -18.85 -3.28 -29.93
N ASP C 109 -19.92 -3.20 -29.14
CA ASP C 109 -20.77 -2.02 -29.14
C ASP C 109 -20.18 -0.94 -28.25
N LYS C 110 -19.35 -1.37 -27.30
CA LYS C 110 -18.66 -0.46 -26.40
C LYS C 110 -17.57 0.29 -27.16
N VAL C 111 -17.08 -0.32 -28.23
CA VAL C 111 -16.05 0.28 -29.07
C VAL C 111 -16.64 1.32 -30.00
N LYS C 112 -17.84 1.04 -30.51
CA LYS C 112 -18.53 1.94 -31.43
C LYS C 112 -18.83 3.28 -30.77
N ALA C 113 -18.91 3.28 -29.45
CA ALA C 113 -19.15 4.49 -28.67
C ALA C 113 -17.83 5.20 -28.37
N TRP C 114 -16.78 4.42 -28.14
CA TRP C 114 -15.45 4.99 -27.93
C TRP C 114 -14.95 5.63 -29.22
N LYS C 115 -15.11 4.91 -30.32
CA LYS C 115 -14.72 5.38 -31.64
C LYS C 115 -15.43 6.69 -31.97
N LYS C 116 -16.74 6.71 -31.73
CA LYS C 116 -17.57 7.89 -32.01
C LYS C 116 -17.12 9.12 -31.24
N ASP C 117 -16.84 8.96 -29.95
CA ASP C 117 -16.45 10.09 -29.11
C ASP C 117 -15.03 10.53 -29.41
N TRP C 118 -14.15 9.55 -29.61
CA TRP C 118 -12.75 9.82 -29.96
C TRP C 118 -12.64 10.64 -31.25
N GLU C 119 -13.37 10.23 -32.27
CA GLU C 119 -13.33 10.92 -33.56
C GLU C 119 -13.89 12.33 -33.46
N GLU C 120 -14.96 12.49 -32.69
CA GLU C 120 -15.57 13.80 -32.46
C GLU C 120 -14.61 14.74 -31.72
N THR C 121 -14.05 14.25 -30.63
CA THR C 121 -13.18 15.06 -29.78
C THR C 121 -11.92 15.49 -30.53
N THR C 122 -11.34 14.55 -31.28
CA THR C 122 -10.12 14.82 -32.03
C THR C 122 -10.38 15.73 -33.22
N ALA C 123 -11.59 15.66 -33.76
CA ALA C 123 -12.00 16.53 -34.87
C ALA C 123 -11.95 18.00 -34.47
N LYS C 124 -12.48 18.32 -33.29
CA LYS C 124 -12.44 19.68 -32.78
C LYS C 124 -11.03 20.10 -32.38
N ASP C 125 -10.29 19.17 -31.79
CA ASP C 125 -8.90 19.43 -31.39
C ASP C 125 -8.07 19.83 -32.60
N GLY C 126 -8.26 19.12 -33.72
CA GLY C 126 -7.53 19.41 -34.94
C GLY C 126 -7.90 20.77 -35.46
N LYS C 127 -9.19 21.10 -35.39
CA LYS C 127 -9.70 22.39 -35.82
C LYS C 127 -9.09 23.55 -35.05
N GLU C 128 -8.87 23.39 -33.74
CA GLU C 128 -8.20 24.45 -32.98
C GLU C 128 -6.71 24.51 -33.31
N ILE C 129 -6.10 23.36 -33.50
CA ILE C 129 -4.68 23.31 -33.84
C ILE C 129 -4.43 24.04 -35.15
N LYS C 130 -5.33 23.87 -36.12
CA LYS C 130 -5.17 24.52 -37.41
C LYS C 130 -5.42 26.02 -37.28
N LYS C 131 -6.26 26.40 -36.32
CA LYS C 131 -6.50 27.81 -36.03
C LYS C 131 -5.27 28.46 -35.43
N ALA C 132 -4.43 27.65 -34.79
CA ALA C 132 -3.22 28.16 -34.14
C ALA C 132 -1.99 28.06 -35.04
N ILE C 133 -1.88 26.98 -35.80
CA ILE C 133 -0.67 26.71 -36.58
C ILE C 133 -0.83 26.95 -38.08
N GLY C 134 -2.07 27.00 -38.55
CA GLY C 134 -2.32 27.15 -39.97
C GLY C 134 -2.91 25.90 -40.59
N GLN C 135 -3.80 26.08 -41.57
CA GLN C 135 -4.50 24.98 -42.20
C GLN C 135 -3.56 23.94 -42.84
N ASP C 136 -2.58 24.40 -43.61
CA ASP C 136 -1.69 23.49 -44.33
C ASP C 136 -0.32 23.36 -43.68
N ALA C 137 -0.25 23.62 -42.38
CA ALA C 137 1.00 23.44 -41.67
C ALA C 137 1.31 21.95 -41.60
N THR C 138 2.51 21.58 -42.00
CA THR C 138 2.91 20.18 -42.06
C THR C 138 3.61 19.74 -40.78
N VAL C 139 3.44 18.46 -40.44
CA VAL C 139 4.11 17.88 -39.29
C VAL C 139 4.95 16.68 -39.71
N SER C 140 6.19 16.64 -39.24
CA SER C 140 7.09 15.53 -39.54
C SER C 140 7.25 14.61 -38.34
N LEU C 141 7.64 13.37 -38.60
CA LEU C 141 7.93 12.42 -37.54
C LEU C 141 9.38 11.96 -37.63
N PHE C 142 10.16 12.26 -36.61
CA PHE C 142 11.54 11.80 -36.54
C PHE C 142 11.81 10.98 -35.28
N ASP C 143 12.28 9.75 -35.49
CA ASP C 143 12.46 8.80 -34.40
C ASP C 143 13.80 8.09 -34.53
N GLU C 144 14.60 8.17 -33.48
CA GLU C 144 15.90 7.49 -33.48
C GLU C 144 15.87 6.22 -32.64
N PHE C 145 16.37 5.14 -33.21
CA PHE C 145 16.56 3.90 -32.49
C PHE C 145 17.72 3.13 -33.11
N ASP C 146 18.55 2.53 -32.27
CA ASP C 146 19.72 1.77 -32.72
C ASP C 146 20.66 2.65 -33.53
N LYS C 147 20.68 3.94 -33.17
CA LYS C 147 21.50 4.96 -33.83
C LYS C 147 21.09 5.22 -35.28
N LYS C 148 19.97 4.65 -35.69
CA LYS C 148 19.40 4.92 -37.01
C LYS C 148 18.22 5.87 -36.91
N LEU C 149 17.97 6.63 -37.97
CA LEU C 149 16.89 7.59 -38.01
C LEU C 149 15.69 7.08 -38.82
N TYR C 150 14.49 7.25 -38.28
CA TYR C 150 13.29 6.72 -38.92
C TYR C 150 12.17 7.76 -39.03
N THR C 151 11.37 7.63 -40.09
CA THR C 151 10.14 8.39 -40.23
C THR C 151 8.98 7.44 -40.55
N TYR C 152 7.75 7.93 -40.44
CA TYR C 152 6.60 7.03 -40.47
C TYR C 152 5.40 7.60 -41.21
N GLY C 153 4.50 6.70 -41.62
CA GLY C 153 3.23 7.09 -42.20
C GLY C 153 2.22 7.47 -41.14
N ASP C 154 0.94 7.27 -41.45
CA ASP C 154 -0.14 7.69 -40.55
C ASP C 154 -0.58 6.59 -39.58
N ASN C 155 0.07 5.43 -39.64
CA ASN C 155 -0.33 4.29 -38.82
C ASN C 155 0.83 3.37 -38.42
N TRP C 156 1.92 3.96 -37.93
CA TRP C 156 3.04 3.16 -37.45
C TRP C 156 3.53 3.69 -36.11
N GLY C 157 2.60 4.14 -35.28
CA GLY C 157 2.93 4.69 -33.98
C GLY C 157 3.50 6.09 -34.08
N ARG C 158 4.13 6.55 -33.00
CA ARG C 158 4.84 7.83 -32.98
C ARG C 158 3.91 9.04 -33.11
N GLY C 159 2.62 8.83 -32.87
CA GLY C 159 1.65 9.91 -32.89
C GLY C 159 0.97 10.09 -34.23
N GLY C 160 1.42 9.33 -35.22
CA GLY C 160 0.91 9.45 -36.59
C GLY C 160 -0.58 9.32 -36.76
N GLU C 161 -1.19 8.41 -36.02
CA GLU C 161 -2.64 8.19 -36.12
C GLU C 161 -3.45 9.29 -35.46
N VAL C 162 -2.85 9.97 -34.49
CA VAL C 162 -3.47 11.15 -33.89
C VAL C 162 -3.25 12.37 -34.78
N LEU C 163 -1.99 12.62 -35.11
CA LEU C 163 -1.61 13.75 -35.96
C LEU C 163 -2.31 13.78 -37.32
N TYR C 164 -2.24 12.66 -38.05
CA TYR C 164 -2.64 12.65 -39.46
C TYR C 164 -4.07 12.16 -39.69
N GLN C 165 -4.53 11.22 -38.89
CA GLN C 165 -5.86 10.66 -39.05
C GLN C 165 -6.89 11.36 -38.16
N ALA C 166 -6.60 11.43 -36.87
CA ALA C 166 -7.50 12.05 -35.91
C ALA C 166 -7.62 13.56 -36.10
N PHE C 167 -6.51 14.27 -35.88
CA PHE C 167 -6.49 15.72 -36.03
C PHE C 167 -6.69 16.14 -37.48
N GLY C 168 -6.20 15.32 -38.40
CA GLY C 168 -6.29 15.62 -39.81
C GLY C 168 -5.23 16.61 -40.26
N LEU C 169 -4.14 16.70 -39.48
CA LEU C 169 -3.02 17.55 -39.83
C LEU C 169 -2.31 17.01 -41.07
N LYS C 170 -1.61 17.90 -41.77
CA LYS C 170 -0.93 17.51 -43.00
C LYS C 170 0.42 16.86 -42.71
N MET C 171 0.65 15.69 -43.31
CA MET C 171 1.93 15.01 -43.20
C MET C 171 2.90 15.64 -44.21
N GLN C 172 4.14 15.84 -43.80
CA GLN C 172 5.18 16.38 -44.67
C GLN C 172 5.23 15.57 -45.97
N PRO C 173 5.06 16.26 -47.11
CA PRO C 173 4.88 15.67 -48.44
C PRO C 173 5.92 14.60 -48.80
N GLU C 174 7.17 14.80 -48.42
CA GLU C 174 8.23 13.86 -48.75
C GLU C 174 8.25 12.68 -47.80
N GLN C 175 7.83 12.90 -46.56
CA GLN C 175 7.71 11.82 -45.59
C GLN C 175 6.60 10.87 -46.02
N GLN C 176 5.53 11.43 -46.58
CA GLN C 176 4.38 10.65 -47.01
C GLN C 176 4.74 9.76 -48.20
N LYS C 177 5.50 10.31 -49.13
CA LYS C 177 5.93 9.58 -50.32
C LYS C 177 6.79 8.39 -49.91
N LEU C 178 7.74 8.66 -49.01
CA LEU C 178 8.68 7.67 -48.54
C LEU C 178 7.97 6.55 -47.79
N THR C 179 7.01 6.91 -46.95
CA THR C 179 6.31 5.94 -46.10
C THR C 179 4.99 5.44 -46.67
N ALA C 180 4.62 5.88 -47.86
CA ALA C 180 3.37 5.44 -48.48
C ALA C 180 3.39 3.94 -48.76
N LYS C 181 4.58 3.43 -49.06
CA LYS C 181 4.75 2.04 -49.44
C LYS C 181 4.64 1.08 -48.26
N ALA C 182 5.52 1.25 -47.27
CA ALA C 182 5.62 0.30 -46.17
C ALA C 182 4.98 0.78 -44.87
N GLY C 183 4.72 2.09 -44.80
CA GLY C 183 4.18 2.69 -43.59
C GLY C 183 5.29 3.24 -42.71
N TRP C 184 6.52 2.89 -43.05
CA TRP C 184 7.69 3.37 -42.33
C TRP C 184 8.90 3.32 -43.25
N ALA C 185 9.97 4.00 -42.85
CA ALA C 185 11.21 4.01 -43.64
C ALA C 185 12.34 4.68 -42.87
N GLU C 186 13.56 4.18 -43.06
CA GLU C 186 14.74 4.79 -42.47
C GLU C 186 15.16 6.00 -43.29
N VAL C 187 15.61 7.05 -42.61
CA VAL C 187 16.06 8.27 -43.27
C VAL C 187 17.54 8.48 -43.05
N LYS C 188 18.28 8.73 -44.13
CA LYS C 188 19.70 9.02 -44.04
C LYS C 188 19.89 10.33 -43.29
N GLN C 189 20.77 10.31 -42.30
CA GLN C 189 20.93 11.42 -41.37
C GLN C 189 21.38 12.74 -42.04
N GLU C 190 21.69 12.67 -43.32
CA GLU C 190 22.04 13.88 -44.07
C GLU C 190 21.00 14.26 -45.11
N GLU C 191 19.94 13.45 -45.21
CA GLU C 191 18.79 13.79 -46.04
C GLU C 191 17.64 14.28 -45.17
N ILE C 192 17.97 14.77 -43.98
CA ILE C 192 16.96 15.16 -42.99
C ILE C 192 16.30 16.50 -43.33
N GLU C 193 17.04 17.36 -44.03
CA GLU C 193 16.54 18.65 -44.44
C GLU C 193 15.37 18.47 -45.42
N LYS C 194 15.41 17.36 -46.14
CA LYS C 194 14.43 17.02 -47.16
C LYS C 194 13.06 16.62 -46.58
N TYR C 195 13.06 16.09 -45.37
CA TYR C 195 11.85 15.55 -44.76
C TYR C 195 11.30 16.39 -43.61
N ALA C 196 11.98 17.48 -43.29
CA ALA C 196 11.56 18.37 -42.23
C ALA C 196 10.35 19.21 -42.65
N GLY C 197 9.37 19.34 -41.76
CA GLY C 197 8.17 20.09 -42.04
C GLY C 197 8.10 21.37 -41.22
N ASP C 198 6.91 21.95 -41.15
CA ASP C 198 6.70 23.18 -40.39
C ASP C 198 6.80 22.93 -38.90
N TYR C 199 6.31 21.77 -38.48
CA TYR C 199 6.45 21.33 -37.09
C TYR C 199 7.06 19.93 -37.07
N ILE C 200 7.91 19.67 -36.10
CA ILE C 200 8.56 18.36 -36.00
C ILE C 200 8.30 17.69 -34.66
N VAL C 201 7.72 16.50 -34.71
CA VAL C 201 7.56 15.67 -33.53
C VAL C 201 8.76 14.74 -33.40
N SER C 202 9.54 14.95 -32.35
CA SER C 202 10.79 14.22 -32.18
C SER C 202 10.74 13.33 -30.93
N THR C 203 11.04 12.05 -31.10
CA THR C 203 10.96 11.08 -30.01
C THR C 203 12.22 11.07 -29.16
N SER C 204 12.58 12.23 -28.61
CA SER C 204 13.83 12.36 -27.87
C SER C 204 13.68 12.96 -26.46
N GLU C 205 12.45 13.01 -25.97
CA GLU C 205 12.19 13.45 -24.60
C GLU C 205 12.87 12.54 -23.56
N GLY C 206 13.80 13.11 -22.80
CA GLY C 206 14.51 12.37 -21.76
C GLY C 206 15.75 11.70 -22.30
N LYS C 207 15.75 11.40 -23.59
CA LYS C 207 16.88 10.77 -24.23
C LYS C 207 18.01 11.78 -24.36
N PRO C 208 19.26 11.32 -24.19
CA PRO C 208 20.43 12.15 -24.45
C PRO C 208 20.40 12.65 -25.89
N THR C 209 20.75 13.92 -26.11
CA THR C 209 20.68 14.56 -27.41
C THR C 209 21.14 13.64 -28.53
N PRO C 210 20.17 13.09 -29.28
CA PRO C 210 20.45 12.13 -30.35
C PRO C 210 21.31 12.75 -31.44
N GLY C 211 21.95 11.91 -32.24
CA GLY C 211 22.79 12.37 -33.33
C GLY C 211 22.09 13.29 -34.32
N TYR C 212 20.79 13.12 -34.48
CA TYR C 212 20.05 13.93 -35.45
C TYR C 212 19.69 15.32 -34.92
N GLU C 213 19.83 15.52 -33.61
CA GLU C 213 19.51 16.80 -33.00
C GLU C 213 20.76 17.64 -32.77
N SER C 214 21.91 17.13 -33.20
CA SER C 214 23.18 17.80 -32.95
C SER C 214 23.85 18.27 -34.24
N THR C 215 23.46 17.68 -35.36
CA THR C 215 23.99 18.10 -36.66
C THR C 215 23.62 19.54 -36.95
N ASN C 216 24.45 20.21 -37.73
CA ASN C 216 24.23 21.60 -38.09
C ASN C 216 23.07 21.79 -39.07
N MET C 217 22.70 20.72 -39.75
CA MET C 217 21.57 20.75 -40.66
C MET C 217 20.26 20.84 -39.87
N TRP C 218 20.27 20.31 -38.66
CA TRP C 218 19.12 20.34 -37.78
C TRP C 218 18.89 21.73 -37.20
N LYS C 219 19.99 22.35 -36.76
CA LYS C 219 19.94 23.67 -36.16
C LYS C 219 19.47 24.76 -37.13
N ASN C 220 19.53 24.46 -38.42
CA ASN C 220 19.17 25.44 -39.44
C ASN C 220 17.85 25.13 -40.14
N LEU C 221 17.17 24.08 -39.72
CA LEU C 221 15.83 23.80 -40.21
C LEU C 221 14.91 24.91 -39.75
N LYS C 222 13.91 25.25 -40.54
CA LYS C 222 13.03 26.36 -40.20
C LYS C 222 12.14 26.03 -39.00
N ALA C 223 11.84 24.75 -38.82
CA ALA C 223 11.02 24.32 -37.69
C ALA C 223 11.81 24.55 -36.42
N THR C 224 13.10 24.29 -36.47
CA THR C 224 14.01 24.56 -35.36
C THR C 224 14.10 26.07 -35.12
N LYS C 225 14.23 26.83 -36.21
CA LYS C 225 14.35 28.28 -36.14
C LYS C 225 13.12 28.93 -35.53
N GLU C 226 11.94 28.45 -35.91
CA GLU C 226 10.68 28.98 -35.40
C GLU C 226 10.30 28.36 -34.06
N GLY C 227 11.12 27.46 -33.57
CA GLY C 227 10.88 26.82 -32.28
C GLY C 227 9.69 25.88 -32.36
N HIS C 228 9.62 25.12 -33.45
CA HIS C 228 8.49 24.24 -33.69
C HIS C 228 8.84 22.77 -33.49
N ILE C 229 9.82 22.51 -32.63
CA ILE C 229 10.17 21.13 -32.32
C ILE C 229 9.36 20.61 -31.14
N VAL C 230 8.67 19.50 -31.34
CA VAL C 230 7.88 18.89 -30.29
C VAL C 230 8.52 17.58 -29.85
N LYS C 231 9.00 17.55 -28.61
CA LYS C 231 9.71 16.38 -28.10
C LYS C 231 8.79 15.46 -27.29
N VAL C 232 8.88 14.16 -27.58
CA VAL C 232 8.00 13.17 -26.98
C VAL C 232 8.79 11.94 -26.55
N ASP C 233 8.25 11.20 -25.58
CA ASP C 233 8.90 9.99 -25.11
C ASP C 233 8.74 8.88 -26.12
N ALA C 234 9.87 8.24 -26.46
CA ALA C 234 9.89 7.21 -27.50
C ALA C 234 9.01 6.01 -27.17
N GLY C 235 9.30 5.35 -26.05
CA GLY C 235 8.58 4.15 -25.64
C GLY C 235 7.10 4.37 -25.47
N THR C 236 6.73 5.53 -24.94
CA THR C 236 5.33 5.90 -24.76
C THR C 236 4.63 6.06 -26.12
N TYR C 237 5.36 6.60 -27.10
CA TYR C 237 4.76 6.94 -28.38
C TYR C 237 4.82 5.81 -29.41
N TRP C 238 5.28 4.64 -29.01
CA TRP C 238 5.29 3.50 -29.92
C TRP C 238 3.89 3.01 -30.22
N TYR C 239 2.97 3.28 -29.30
CA TYR C 239 1.66 2.64 -29.31
C TYR C 239 0.53 3.47 -29.95
N ASN C 240 -0.58 2.80 -30.21
CA ASN C 240 -1.76 3.44 -30.75
C ASN C 240 -3.05 2.89 -30.13
N ASP C 241 -2.94 2.49 -28.86
CA ASP C 241 -4.08 1.97 -28.11
C ASP C 241 -4.86 3.14 -27.51
N PRO C 242 -6.14 2.91 -27.15
CA PRO C 242 -7.01 3.98 -26.63
C PRO C 242 -6.41 4.75 -25.45
N TYR C 243 -5.61 4.08 -24.61
CA TYR C 243 -4.94 4.76 -23.51
C TYR C 243 -3.86 5.70 -24.04
N THR C 244 -2.99 5.15 -24.89
CA THR C 244 -1.92 5.93 -25.51
C THR C 244 -2.48 7.04 -26.40
N LEU C 245 -3.52 6.71 -27.16
CA LEU C 245 -4.19 7.67 -28.02
C LEU C 245 -4.64 8.92 -27.27
N ASP C 246 -5.21 8.72 -26.08
CA ASP C 246 -5.73 9.83 -25.29
C ASP C 246 -4.63 10.71 -24.71
N PHE C 247 -3.50 10.10 -24.36
CA PHE C 247 -2.37 10.85 -23.85
C PHE C 247 -1.74 11.69 -24.94
N MET C 248 -1.45 11.07 -26.07
CA MET C 248 -0.86 11.76 -27.21
C MET C 248 -1.78 12.87 -27.71
N ARG C 249 -3.09 12.62 -27.63
CA ARG C 249 -4.10 13.62 -27.98
C ARG C 249 -3.92 14.91 -27.18
N LYS C 250 -3.84 14.78 -25.87
CA LYS C 250 -3.65 15.93 -24.99
C LYS C 250 -2.23 16.50 -25.09
N ASP C 251 -1.25 15.61 -25.26
CA ASP C 251 0.14 16.03 -25.27
C ASP C 251 0.49 16.82 -26.52
N LEU C 252 0.09 16.30 -27.68
CA LEU C 252 0.43 16.92 -28.95
C LEU C 252 -0.34 18.23 -29.16
N LYS C 253 -1.60 18.24 -28.76
CA LYS C 253 -2.43 19.44 -28.89
C LYS C 253 -1.82 20.62 -28.14
N GLU C 254 -1.29 20.35 -26.96
CA GLU C 254 -0.72 21.39 -26.12
C GLU C 254 0.64 21.89 -26.61
N LYS C 255 1.47 20.95 -27.06
CA LYS C 255 2.81 21.27 -27.51
C LYS C 255 2.82 21.99 -28.87
N LEU C 256 1.87 21.64 -29.72
CA LEU C 256 1.76 22.27 -31.04
C LEU C 256 1.24 23.71 -30.93
N ILE C 257 0.24 23.91 -30.08
CA ILE C 257 -0.38 25.23 -29.92
C ILE C 257 0.57 26.21 -29.25
N LYS C 258 1.36 25.73 -28.30
CA LYS C 258 2.37 26.56 -27.64
C LYS C 258 3.55 26.84 -28.55
N ALA C 259 3.86 25.88 -29.42
CA ALA C 259 4.92 26.06 -30.40
C ALA C 259 4.57 27.18 -31.38
N ALA C 260 3.28 27.41 -31.57
CA ALA C 260 2.79 28.41 -32.49
C ALA C 260 2.88 29.83 -31.92
N LYS C 261 3.58 29.96 -30.80
CA LYS C 261 3.77 31.25 -30.12
C LYS C 261 2.45 31.92 -29.78
N PRO D 6 20.87 -29.34 33.89
CA PRO D 6 21.20 -30.43 32.96
C PRO D 6 20.31 -31.65 33.16
N LYS D 7 19.00 -31.43 33.22
CA LYS D 7 18.03 -32.51 33.39
C LYS D 7 18.10 -33.53 32.28
N ARG D 8 18.24 -34.81 32.66
CA ARG D 8 18.44 -35.89 31.71
C ARG D 8 17.14 -36.27 31.01
N ILE D 9 17.06 -36.01 29.72
CA ILE D 9 15.86 -36.31 28.94
C ILE D 9 16.05 -37.54 28.04
N ALA D 10 15.06 -38.42 28.05
CA ALA D 10 15.00 -39.52 27.11
C ALA D 10 13.94 -39.24 26.05
N VAL D 11 14.37 -39.12 24.81
CA VAL D 11 13.46 -38.78 23.72
C VAL D 11 13.02 -40.03 22.95
N VAL D 12 11.87 -40.57 23.31
CA VAL D 12 11.34 -41.77 22.66
C VAL D 12 10.62 -41.39 21.37
N ALA D 13 9.96 -40.24 21.37
CA ALA D 13 9.29 -39.72 20.18
C ALA D 13 10.29 -38.89 19.37
N PRO D 14 10.63 -39.37 18.16
CA PRO D 14 11.71 -38.80 17.35
C PRO D 14 11.43 -37.39 16.82
N THR D 15 10.17 -36.96 16.83
CA THR D 15 9.80 -35.65 16.34
C THR D 15 10.49 -34.52 17.11
N TYR D 16 10.73 -34.76 18.39
CA TYR D 16 11.15 -33.69 19.30
C TYR D 16 12.63 -33.80 19.69
N ALA D 17 13.35 -34.69 19.02
CA ALA D 17 14.75 -34.93 19.34
C ALA D 17 15.66 -33.78 18.91
N GLY D 18 15.54 -33.38 17.65
CA GLY D 18 16.37 -32.34 17.10
C GLY D 18 16.07 -30.97 17.68
N GLY D 19 14.82 -30.77 18.09
CA GLY D 19 14.40 -29.51 18.68
C GLY D 19 14.93 -29.32 20.09
N LEU D 20 15.04 -30.41 20.83
CA LEU D 20 15.59 -30.37 22.19
C LEU D 20 17.11 -30.25 22.15
N LYS D 21 17.72 -30.99 21.22
CA LYS D 21 19.16 -30.87 20.96
C LYS D 21 19.51 -29.42 20.61
N LYS D 22 18.70 -28.82 19.75
CA LYS D 22 18.84 -27.42 19.37
C LYS D 22 18.92 -26.51 20.60
N LEU D 23 18.09 -26.79 21.59
CA LEU D 23 18.04 -26.01 22.81
C LEU D 23 19.13 -26.40 23.80
N GLY D 24 19.87 -27.45 23.49
CA GLY D 24 21.02 -27.83 24.30
C GLY D 24 20.67 -28.81 25.41
N ALA D 25 19.57 -29.54 25.23
CA ALA D 25 19.11 -30.48 26.24
C ALA D 25 20.07 -31.65 26.45
N ASN D 26 20.09 -32.19 27.66
CA ASN D 26 20.93 -33.34 27.97
C ASN D 26 20.24 -34.63 27.55
N ILE D 27 20.20 -34.87 26.24
CA ILE D 27 19.55 -36.06 25.71
C ILE D 27 20.44 -37.29 25.90
N VAL D 28 20.07 -38.14 26.86
CA VAL D 28 20.86 -39.32 27.20
C VAL D 28 20.40 -40.55 26.42
N ALA D 29 19.20 -40.48 25.87
CA ALA D 29 18.69 -41.54 25.01
C ALA D 29 17.77 -40.96 23.94
N VAL D 30 17.81 -41.55 22.75
CA VAL D 30 17.05 -41.02 21.63
C VAL D 30 16.61 -42.15 20.69
N ASN D 31 15.46 -41.97 20.05
CA ASN D 31 14.92 -42.97 19.14
C ASN D 31 15.87 -43.29 17.99
N GLN D 32 15.99 -44.57 17.69
CA GLN D 32 16.87 -45.07 16.63
C GLN D 32 16.69 -44.37 15.28
N GLN D 33 15.48 -43.88 15.03
CA GLN D 33 15.12 -43.33 13.73
C GLN D 33 15.82 -42.01 13.38
N VAL D 34 16.50 -41.40 14.36
CA VAL D 34 17.26 -40.18 14.08
C VAL D 34 18.48 -40.50 13.22
N ASP D 35 18.87 -41.77 13.20
CA ASP D 35 20.01 -42.22 12.41
C ASP D 35 19.66 -42.24 10.92
N GLN D 36 18.36 -42.17 10.63
CA GLN D 36 17.90 -42.14 9.25
C GLN D 36 18.05 -40.75 8.65
N SER D 37 18.10 -39.74 9.51
CA SER D 37 18.25 -38.36 9.06
C SER D 37 19.72 -38.02 8.88
N LYS D 38 20.08 -37.57 7.68
CA LYS D 38 21.46 -37.23 7.37
C LYS D 38 21.86 -35.91 8.03
N VAL D 39 20.88 -35.24 8.65
CA VAL D 39 21.15 -34.04 9.44
C VAL D 39 21.30 -34.41 10.91
N LEU D 40 20.48 -35.35 11.38
CA LEU D 40 20.36 -35.65 12.80
C LEU D 40 21.26 -36.77 13.31
N LYS D 41 21.65 -37.69 12.42
CA LYS D 41 22.52 -38.80 12.80
C LYS D 41 23.81 -38.30 13.44
N ASP D 42 24.39 -37.26 12.86
CA ASP D 42 25.61 -36.64 13.36
C ASP D 42 25.39 -36.02 14.74
N LYS D 43 24.20 -35.47 14.95
CA LYS D 43 23.89 -34.76 16.19
C LYS D 43 23.72 -35.70 17.38
N PHE D 44 23.54 -36.99 17.11
CA PHE D 44 23.23 -37.93 18.17
C PHE D 44 24.20 -39.11 18.26
N LYS D 45 25.42 -38.93 17.76
CA LYS D 45 26.45 -39.95 17.96
C LYS D 45 26.99 -39.84 19.38
N GLY D 46 26.99 -40.95 20.10
CA GLY D 46 27.40 -40.95 21.49
C GLY D 46 26.18 -40.93 22.39
N VAL D 47 25.01 -40.80 21.77
CA VAL D 47 23.74 -40.84 22.48
C VAL D 47 23.11 -42.22 22.29
N THR D 48 22.64 -42.80 23.39
CA THR D 48 22.07 -44.14 23.37
C THR D 48 20.86 -44.25 22.44
N LYS D 49 20.89 -45.24 21.55
CA LYS D 49 19.79 -45.44 20.61
C LYS D 49 18.79 -46.43 21.18
N ILE D 50 17.54 -46.00 21.29
CA ILE D 50 16.47 -46.91 21.68
C ILE D 50 15.45 -47.06 20.56
N GLY D 51 14.75 -48.18 20.56
CA GLY D 51 13.62 -48.37 19.68
C GLY D 51 12.39 -48.43 20.56
N ASP D 52 11.22 -48.62 19.96
CA ASP D 52 10.01 -48.78 20.73
C ASP D 52 10.06 -50.08 21.52
N GLY D 53 9.72 -50.01 22.80
CA GLY D 53 9.75 -51.18 23.67
C GLY D 53 11.00 -51.28 24.52
N ASP D 54 12.06 -50.57 24.15
CA ASP D 54 13.32 -50.60 24.88
C ASP D 54 13.20 -49.86 26.21
N VAL D 55 12.31 -50.34 27.08
CA VAL D 55 12.04 -49.68 28.35
C VAL D 55 13.25 -49.72 29.30
N GLU D 56 13.93 -50.87 29.34
CA GLU D 56 15.09 -51.01 30.22
C GLU D 56 16.31 -50.26 29.69
N LYS D 57 16.41 -50.15 28.35
CA LYS D 57 17.45 -49.33 27.74
C LYS D 57 17.31 -47.89 28.21
N VAL D 58 16.06 -47.42 28.28
CA VAL D 58 15.76 -46.09 28.79
C VAL D 58 16.06 -46.04 30.28
N ALA D 59 15.59 -47.07 30.99
CA ALA D 59 15.81 -47.19 32.43
C ALA D 59 17.30 -47.13 32.79
N LYS D 60 18.12 -47.84 32.03
CA LYS D 60 19.56 -47.91 32.30
C LYS D 60 20.29 -46.57 32.21
N GLU D 61 19.84 -45.70 31.31
CA GLU D 61 20.45 -44.38 31.18
C GLU D 61 19.94 -43.39 32.22
N LYS D 62 19.05 -43.87 33.09
CA LYS D 62 18.53 -43.09 34.21
C LYS D 62 18.08 -41.67 33.84
N PRO D 63 16.93 -41.56 33.16
CA PRO D 63 16.40 -40.26 32.72
C PRO D 63 15.65 -39.54 33.83
N ASP D 64 15.67 -38.20 33.80
CA ASP D 64 14.84 -37.41 34.69
C ASP D 64 13.51 -37.10 34.04
N LEU D 65 13.41 -37.38 32.73
CA LEU D 65 12.23 -37.01 31.97
C LEU D 65 12.13 -37.88 30.71
N ILE D 66 10.92 -38.39 30.44
CA ILE D 66 10.69 -39.21 29.25
C ILE D 66 9.62 -38.57 28.35
N ILE D 67 9.89 -38.55 27.05
CA ILE D 67 8.99 -37.93 26.07
C ILE D 67 8.38 -38.95 25.12
N VAL D 68 7.07 -39.09 25.13
CA VAL D 68 6.39 -40.06 24.26
C VAL D 68 5.19 -39.44 23.55
N TYR D 69 4.75 -40.08 22.47
CA TYR D 69 3.53 -39.69 21.79
C TYR D 69 2.34 -40.10 22.64
N SER D 70 1.20 -39.44 22.42
CA SER D 70 -0.02 -39.77 23.17
C SER D 70 -0.62 -41.09 22.72
N THR D 71 -0.11 -41.63 21.62
CA THR D 71 -0.58 -42.91 21.11
C THR D 71 0.41 -44.03 21.39
N ASP D 72 1.47 -43.72 22.14
CA ASP D 72 2.44 -44.73 22.53
C ASP D 72 1.83 -45.69 23.54
N LYS D 73 2.03 -46.99 23.32
CA LYS D 73 1.39 -48.01 24.16
C LYS D 73 2.13 -48.32 25.45
N ASP D 74 3.40 -47.90 25.55
CA ASP D 74 4.20 -48.24 26.71
C ASP D 74 4.29 -47.08 27.68
N ILE D 75 3.28 -46.22 27.67
CA ILE D 75 3.24 -45.04 28.52
C ILE D 75 3.33 -45.41 30.00
N ALA D 76 2.56 -46.41 30.40
CA ALA D 76 2.54 -46.85 31.80
C ALA D 76 3.87 -47.46 32.21
N ALA D 77 4.59 -48.02 31.23
CA ALA D 77 5.91 -48.59 31.48
C ALA D 77 6.96 -47.51 31.74
N TYR D 78 6.88 -46.42 30.99
CA TYR D 78 7.81 -45.31 31.15
C TYR D 78 7.53 -44.49 32.40
N GLN D 79 6.26 -44.49 32.82
CA GLN D 79 5.84 -43.74 34.00
C GLN D 79 6.53 -44.23 35.26
N ALA D 80 6.90 -45.52 35.28
CA ALA D 80 7.57 -46.10 36.43
C ALA D 80 9.05 -45.70 36.49
N VAL D 81 9.63 -45.41 35.32
CA VAL D 81 11.04 -45.07 35.24
C VAL D 81 11.32 -43.62 35.61
N ALA D 82 10.61 -42.71 34.95
CA ALA D 82 10.81 -41.27 35.15
C ALA D 82 9.50 -40.54 34.83
N PRO D 83 9.39 -39.27 35.25
CA PRO D 83 8.21 -38.49 34.85
C PRO D 83 8.07 -38.44 33.34
N THR D 84 6.88 -38.77 32.86
CA THR D 84 6.66 -38.91 31.42
C THR D 84 5.81 -37.78 30.85
N VAL D 85 6.41 -36.97 29.99
CA VAL D 85 5.66 -35.95 29.28
C VAL D 85 5.03 -36.57 28.04
N VAL D 86 3.71 -36.64 28.04
CA VAL D 86 2.97 -37.25 26.95
C VAL D 86 2.56 -36.16 25.96
N VAL D 87 3.02 -36.30 24.72
CA VAL D 87 2.82 -35.25 23.73
C VAL D 87 1.92 -35.69 22.58
N ASP D 88 0.83 -34.96 22.38
CA ASP D 88 -0.06 -35.15 21.24
C ASP D 88 0.55 -34.44 20.03
N TYR D 89 0.92 -35.22 19.02
CA TYR D 89 1.47 -34.67 17.79
C TYR D 89 0.50 -33.69 17.12
N ASN D 90 -0.76 -34.10 17.03
CA ASN D 90 -1.79 -33.33 16.33
C ASN D 90 -2.06 -31.96 16.96
N LYS D 91 -1.63 -31.78 18.21
CA LYS D 91 -2.02 -30.61 18.98
C LYS D 91 -1.33 -29.30 18.58
N HIS D 92 -0.07 -29.40 18.15
CA HIS D 92 0.69 -28.20 17.79
C HIS D 92 1.36 -28.28 16.42
N LYS D 93 1.43 -27.14 15.74
CA LYS D 93 2.15 -27.02 14.49
C LYS D 93 3.63 -26.74 14.76
N TYR D 94 4.44 -26.93 13.73
CA TYR D 94 5.90 -26.99 13.86
C TYR D 94 6.56 -25.84 14.63
N LEU D 95 5.99 -24.65 14.54
CA LEU D 95 6.55 -23.51 15.26
C LEU D 95 6.05 -23.49 16.71
N GLU D 96 4.76 -23.76 16.89
CA GLU D 96 4.19 -23.84 18.22
C GLU D 96 4.74 -25.05 18.96
N GLN D 97 5.11 -26.06 18.19
CA GLN D 97 5.70 -27.29 18.70
C GLN D 97 7.07 -27.02 19.34
N GLN D 98 7.84 -26.12 18.73
CA GLN D 98 9.15 -25.76 19.25
C GLN D 98 9.03 -24.89 20.50
N GLU D 99 7.95 -24.11 20.57
CA GLU D 99 7.66 -23.31 21.74
C GLU D 99 7.46 -24.21 22.97
N MET D 100 6.82 -25.35 22.75
CA MET D 100 6.57 -26.32 23.82
C MET D 100 7.87 -26.91 24.34
N LEU D 101 8.77 -27.27 23.42
CA LEU D 101 10.08 -27.78 23.79
C LEU D 101 10.88 -26.76 24.57
N GLY D 102 10.62 -25.48 24.31
CA GLY D 102 11.28 -24.40 25.04
C GLY D 102 10.80 -24.28 26.48
N LYS D 103 9.58 -24.73 26.74
CA LYS D 103 9.03 -24.73 28.08
C LYS D 103 9.60 -25.89 28.89
N ILE D 104 9.67 -27.06 28.26
CA ILE D 104 10.24 -28.26 28.87
C ILE D 104 11.63 -28.02 29.47
N VAL D 105 12.47 -27.29 28.75
CA VAL D 105 13.84 -27.06 29.19
C VAL D 105 14.09 -25.63 29.67
N GLY D 106 13.04 -24.83 29.74
CA GLY D 106 13.14 -23.48 30.28
C GLY D 106 13.88 -22.46 29.43
N LYS D 107 14.12 -22.80 28.16
CA LYS D 107 14.74 -21.86 27.24
C LYS D 107 13.66 -21.25 26.33
N GLU D 108 12.65 -20.70 26.99
CA GLU D 108 11.46 -20.20 26.33
C GLU D 108 11.75 -18.97 25.48
N ASP D 109 12.75 -18.19 25.89
CA ASP D 109 13.11 -16.96 25.19
C ASP D 109 14.05 -17.24 24.02
N LYS D 110 14.75 -18.36 24.10
CA LYS D 110 15.70 -18.76 23.05
C LYS D 110 14.93 -19.21 21.81
N VAL D 111 13.70 -19.67 22.02
CA VAL D 111 12.83 -20.10 20.93
C VAL D 111 12.19 -18.89 20.25
N LYS D 112 11.81 -17.90 21.05
CA LYS D 112 11.19 -16.70 20.52
C LYS D 112 12.13 -15.92 19.60
N ALA D 113 13.42 -16.11 19.78
CA ALA D 113 14.41 -15.45 18.94
C ALA D 113 14.67 -16.26 17.68
N TRP D 114 14.63 -17.58 17.81
CA TRP D 114 14.77 -18.47 16.66
C TRP D 114 13.56 -18.34 15.73
N LYS D 115 12.37 -18.36 16.33
CA LYS D 115 11.11 -18.22 15.59
C LYS D 115 11.09 -16.92 14.78
N LYS D 116 11.44 -15.82 15.44
CA LYS D 116 11.47 -14.51 14.80
C LYS D 116 12.46 -14.49 13.63
N ASP D 117 13.63 -15.10 13.85
CA ASP D 117 14.68 -15.14 12.84
C ASP D 117 14.33 -16.10 11.70
N TRP D 118 13.78 -17.26 12.05
CA TRP D 118 13.35 -18.25 11.08
C TRP D 118 12.28 -17.73 10.11
N GLU D 119 11.25 -17.10 10.66
CA GLU D 119 10.14 -16.60 9.86
C GLU D 119 10.54 -15.46 8.92
N GLU D 120 11.42 -14.59 9.40
CA GLU D 120 11.91 -13.47 8.59
C GLU D 120 12.66 -13.99 7.36
N THR D 121 13.58 -14.92 7.58
CA THR D 121 14.41 -15.43 6.50
C THR D 121 13.58 -16.18 5.46
N THR D 122 12.65 -17.02 5.94
CA THR D 122 11.82 -17.83 5.04
C THR D 122 10.76 -17.03 4.31
N ALA D 123 10.28 -15.94 4.92
CA ALA D 123 9.32 -15.06 4.28
C ALA D 123 9.90 -14.44 3.01
N LYS D 124 11.12 -13.93 3.12
CA LYS D 124 11.82 -13.36 1.97
C LYS D 124 12.23 -14.45 0.97
N ASP D 125 12.59 -15.61 1.49
CA ASP D 125 12.91 -16.76 0.64
C ASP D 125 11.74 -17.12 -0.26
N GLY D 126 10.52 -17.05 0.29
CA GLY D 126 9.32 -17.36 -0.46
C GLY D 126 9.12 -16.39 -1.60
N LYS D 127 9.37 -15.11 -1.34
CA LYS D 127 9.27 -14.08 -2.36
C LYS D 127 10.22 -14.34 -3.52
N GLU D 128 11.42 -14.83 -3.21
CA GLU D 128 12.42 -15.13 -4.21
C GLU D 128 12.05 -16.38 -5.03
N ILE D 129 11.49 -17.39 -4.37
CA ILE D 129 11.05 -18.59 -5.06
C ILE D 129 9.89 -18.28 -6.01
N LYS D 130 9.00 -17.40 -5.57
CA LYS D 130 7.83 -17.02 -6.36
C LYS D 130 8.21 -16.13 -7.54
N LYS D 131 9.31 -15.39 -7.38
CA LYS D 131 9.84 -14.57 -8.45
C LYS D 131 10.36 -15.45 -9.59
N ALA D 132 10.79 -16.65 -9.24
CA ALA D 132 11.35 -17.59 -10.20
C ALA D 132 10.33 -18.56 -10.78
N ILE D 133 9.40 -19.02 -9.94
CA ILE D 133 8.47 -20.08 -10.33
C ILE D 133 7.07 -19.57 -10.67
N GLY D 134 6.77 -18.35 -10.23
CA GLY D 134 5.45 -17.77 -10.44
C GLY D 134 4.68 -17.64 -9.14
N GLN D 135 3.90 -16.57 -9.04
CA GLN D 135 3.14 -16.26 -7.84
C GLN D 135 2.16 -17.38 -7.48
N ASP D 136 1.45 -17.89 -8.47
CA ASP D 136 0.39 -18.86 -8.25
C ASP D 136 0.80 -20.29 -8.60
N ALA D 137 2.11 -20.55 -8.61
CA ALA D 137 2.64 -21.89 -8.87
C ALA D 137 2.38 -22.85 -7.71
N THR D 138 1.86 -24.03 -8.04
CA THR D 138 1.52 -25.04 -7.04
C THR D 138 2.66 -26.05 -6.85
N VAL D 139 2.79 -26.57 -5.63
CA VAL D 139 3.79 -27.59 -5.32
C VAL D 139 3.17 -28.85 -4.72
N SER D 140 3.56 -30.02 -5.23
CA SER D 140 3.06 -31.28 -4.71
C SER D 140 4.10 -32.03 -3.88
N LEU D 141 3.62 -32.92 -3.01
CA LEU D 141 4.49 -33.80 -2.22
C LEU D 141 4.15 -35.27 -2.51
N PHE D 142 5.13 -36.02 -3.02
CA PHE D 142 4.94 -37.45 -3.24
C PHE D 142 5.98 -38.27 -2.47
N ASP D 143 5.51 -39.16 -1.61
CA ASP D 143 6.38 -39.90 -0.69
C ASP D 143 6.01 -41.38 -0.65
N GLU D 144 7.00 -42.24 -0.92
CA GLU D 144 6.77 -43.68 -0.88
C GLU D 144 7.36 -44.34 0.38
N PHE D 145 6.57 -45.19 1.01
CA PHE D 145 7.04 -46.02 2.12
C PHE D 145 6.21 -47.29 2.11
N ASP D 146 6.87 -48.44 2.31
CA ASP D 146 6.20 -49.74 2.28
C ASP D 146 5.51 -50.00 0.94
N LYS D 147 6.09 -49.46 -0.12
CA LYS D 147 5.55 -49.55 -1.48
C LYS D 147 4.20 -48.84 -1.66
N LYS D 148 3.81 -48.06 -0.66
CA LYS D 148 2.62 -47.23 -0.76
C LYS D 148 2.99 -45.77 -1.05
N LEU D 149 2.10 -45.06 -1.72
CA LEU D 149 2.34 -43.66 -2.06
C LEU D 149 1.56 -42.72 -1.14
N TYR D 150 2.22 -41.68 -0.65
CA TYR D 150 1.60 -40.76 0.30
C TYR D 150 1.81 -39.30 -0.07
N THR D 151 0.83 -38.47 0.26
CA THR D 151 0.98 -37.01 0.18
C THR D 151 0.55 -36.40 1.51
N TYR D 152 0.86 -35.12 1.73
CA TYR D 152 0.74 -34.54 3.06
C TYR D 152 0.23 -33.11 3.07
N GLY D 153 -0.26 -32.68 4.23
CA GLY D 153 -0.67 -31.31 4.44
C GLY D 153 0.52 -30.40 4.72
N ASP D 154 0.27 -29.33 5.48
CA ASP D 154 1.31 -28.32 5.73
C ASP D 154 2.13 -28.57 6.99
N ASN D 155 1.83 -29.65 7.69
CA ASN D 155 2.49 -29.92 8.96
C ASN D 155 2.62 -31.41 9.28
N TRP D 156 3.10 -32.17 8.31
CA TRP D 156 3.32 -33.59 8.50
C TRP D 156 4.69 -34.01 7.97
N GLY D 157 5.67 -33.13 8.13
CA GLY D 157 7.02 -33.42 7.65
C GLY D 157 7.12 -33.30 6.15
N ARG D 158 8.20 -33.84 5.59
CA ARG D 158 8.39 -33.92 4.14
C ARG D 158 8.55 -32.55 3.48
N GLY D 159 8.88 -31.54 4.28
CA GLY D 159 9.13 -30.21 3.74
C GLY D 159 7.89 -29.34 3.74
N GLY D 160 6.75 -29.93 4.12
CA GLY D 160 5.47 -29.24 4.08
C GLY D 160 5.40 -27.93 4.84
N GLU D 161 6.01 -27.88 6.03
CA GLU D 161 5.99 -26.67 6.83
C GLU D 161 6.93 -25.59 6.28
N VAL D 162 7.94 -26.03 5.54
CA VAL D 162 8.83 -25.12 4.85
C VAL D 162 8.17 -24.60 3.56
N LEU D 163 7.74 -25.54 2.72
CA LEU D 163 7.08 -25.20 1.46
C LEU D 163 5.83 -24.34 1.63
N TYR D 164 4.90 -24.78 2.47
CA TYR D 164 3.57 -24.18 2.53
C TYR D 164 3.36 -23.14 3.63
N GLN D 165 4.02 -23.32 4.78
CA GLN D 165 3.85 -22.38 5.89
C GLN D 165 4.94 -21.31 5.88
N ALA D 166 6.20 -21.74 5.82
CA ALA D 166 7.32 -20.82 5.83
C ALA D 166 7.40 -20.01 4.54
N PHE D 167 7.62 -20.70 3.42
CA PHE D 167 7.75 -20.03 2.13
C PHE D 167 6.43 -19.39 1.68
N GLY D 168 5.32 -20.02 2.05
CA GLY D 168 4.01 -19.54 1.65
C GLY D 168 3.64 -19.93 0.24
N LEU D 169 4.28 -20.98 -0.27
CA LEU D 169 3.98 -21.49 -1.60
C LEU D 169 2.58 -22.08 -1.64
N LYS D 170 1.99 -22.14 -2.83
CA LYS D 170 0.64 -22.65 -3.00
C LYS D 170 0.65 -24.18 -3.02
N MET D 171 -0.18 -24.78 -2.18
CA MET D 171 -0.31 -26.23 -2.15
C MET D 171 -1.25 -26.67 -3.27
N GLN D 172 -0.87 -27.73 -3.97
CA GLN D 172 -1.70 -28.30 -5.03
C GLN D 172 -3.11 -28.55 -4.51
N PRO D 173 -4.11 -27.96 -5.16
CA PRO D 173 -5.51 -27.91 -4.72
C PRO D 173 -6.12 -29.24 -4.30
N GLU D 174 -5.79 -30.31 -5.02
CA GLU D 174 -6.39 -31.61 -4.74
C GLU D 174 -5.69 -32.30 -3.57
N GLN D 175 -4.40 -32.03 -3.41
CA GLN D 175 -3.64 -32.54 -2.28
C GLN D 175 -4.16 -31.93 -0.98
N GLN D 176 -4.54 -30.66 -1.04
CA GLN D 176 -5.04 -29.95 0.13
C GLN D 176 -6.40 -30.50 0.56
N LYS D 177 -7.26 -30.79 -0.42
CA LYS D 177 -8.58 -31.35 -0.15
C LYS D 177 -8.45 -32.70 0.52
N LEU D 178 -7.58 -33.54 -0.06
CA LEU D 178 -7.36 -34.90 0.43
C LEU D 178 -6.75 -34.93 1.83
N THR D 179 -5.79 -34.05 2.08
CA THR D 179 -5.05 -34.05 3.33
C THR D 179 -5.58 -33.08 4.39
N ALA D 180 -6.68 -32.39 4.08
CA ALA D 180 -7.28 -31.46 5.03
C ALA D 180 -7.77 -32.20 6.26
N LYS D 181 -8.16 -33.46 6.07
CA LYS D 181 -8.75 -34.27 7.13
C LYS D 181 -7.70 -34.74 8.14
N ALA D 182 -6.70 -35.49 7.68
CA ALA D 182 -5.75 -36.12 8.58
C ALA D 182 -4.37 -35.47 8.60
N GLY D 183 -4.09 -34.63 7.60
CA GLY D 183 -2.78 -34.04 7.47
C GLY D 183 -1.90 -34.89 6.56
N TRP D 184 -2.41 -36.07 6.25
CA TRP D 184 -1.73 -37.02 5.36
C TRP D 184 -2.76 -37.92 4.71
N ALA D 185 -2.35 -38.61 3.64
CA ALA D 185 -3.25 -39.52 2.92
C ALA D 185 -2.51 -40.35 1.88
N GLU D 186 -2.96 -41.59 1.70
CA GLU D 186 -2.43 -42.44 0.65
C GLU D 186 -3.00 -42.07 -0.71
N VAL D 187 -2.17 -42.13 -1.74
CA VAL D 187 -2.60 -41.80 -3.09
C VAL D 187 -2.52 -43.03 -3.99
N LYS D 188 -3.60 -43.31 -4.71
CA LYS D 188 -3.62 -44.42 -5.65
C LYS D 188 -2.62 -44.13 -6.77
N GLN D 189 -1.79 -45.12 -7.07
CA GLN D 189 -0.69 -44.94 -8.02
C GLN D 189 -1.15 -44.60 -9.43
N GLU D 190 -2.46 -44.66 -9.67
CA GLU D 190 -3.01 -44.32 -10.97
C GLU D 190 -3.87 -43.05 -10.95
N GLU D 191 -4.04 -42.47 -9.76
CA GLU D 191 -4.67 -41.17 -9.62
C GLU D 191 -3.63 -40.09 -9.33
N ILE D 192 -2.39 -40.33 -9.74
CA ILE D 192 -1.29 -39.44 -9.41
C ILE D 192 -1.32 -38.15 -10.24
N GLU D 193 -1.89 -38.25 -11.44
CA GLU D 193 -2.03 -37.09 -12.32
C GLU D 193 -2.96 -36.06 -11.68
N LYS D 194 -3.87 -36.55 -10.84
CA LYS D 194 -4.86 -35.71 -10.19
C LYS D 194 -4.20 -34.83 -9.12
N TYR D 195 -3.09 -35.30 -8.58
CA TYR D 195 -2.42 -34.61 -7.49
C TYR D 195 -1.09 -33.99 -7.89
N ALA D 196 -0.71 -34.17 -9.15
CA ALA D 196 0.53 -33.58 -9.66
C ALA D 196 0.35 -32.08 -9.88
N GLY D 197 1.32 -31.30 -9.44
CA GLY D 197 1.26 -29.86 -9.56
C GLY D 197 2.28 -29.32 -10.54
N ASP D 198 2.55 -28.02 -10.47
CA ASP D 198 3.52 -27.40 -11.35
C ASP D 198 4.93 -27.85 -10.97
N TYR D 199 5.17 -28.02 -9.67
CA TYR D 199 6.42 -28.58 -9.18
C TYR D 199 6.17 -29.73 -8.22
N ILE D 200 7.01 -30.76 -8.29
CA ILE D 200 6.85 -31.94 -7.45
C ILE D 200 8.08 -32.26 -6.62
N VAL D 201 7.90 -32.29 -5.30
CA VAL D 201 8.96 -32.75 -4.41
C VAL D 201 8.80 -34.24 -4.13
N SER D 202 9.77 -35.03 -4.59
CA SER D 202 9.68 -36.48 -4.48
C SER D 202 10.80 -37.03 -3.60
N THR D 203 10.43 -37.82 -2.60
CA THR D 203 11.39 -38.34 -1.62
C THR D 203 12.09 -39.61 -2.09
N SER D 204 12.74 -39.53 -3.24
CA SER D 204 13.37 -40.71 -3.85
C SER D 204 14.84 -40.47 -4.18
N GLU D 205 15.43 -39.43 -3.61
CA GLU D 205 16.85 -39.15 -3.79
C GLU D 205 17.72 -40.31 -3.30
N GLY D 206 18.43 -40.93 -4.24
CA GLY D 206 19.32 -42.04 -3.91
C GLY D 206 18.60 -43.37 -3.91
N LYS D 207 17.29 -43.33 -3.63
CA LYS D 207 16.46 -44.52 -3.64
C LYS D 207 16.26 -44.97 -5.07
N PRO D 208 16.23 -46.29 -5.30
CA PRO D 208 15.91 -46.85 -6.61
C PRO D 208 14.51 -46.40 -7.03
N THR D 209 14.37 -46.07 -8.32
CA THR D 209 13.13 -45.55 -8.89
C THR D 209 11.86 -46.24 -8.38
N PRO D 210 11.11 -45.55 -7.50
CA PRO D 210 9.89 -46.08 -6.89
C PRO D 210 8.83 -46.41 -7.94
N GLY D 211 7.85 -47.23 -7.58
CA GLY D 211 6.84 -47.66 -8.52
C GLY D 211 6.09 -46.51 -9.19
N TYR D 212 5.97 -45.39 -8.48
CA TYR D 212 5.24 -44.25 -9.02
C TYR D 212 6.11 -43.42 -9.96
N GLU D 213 7.42 -43.66 -9.95
CA GLU D 213 8.32 -42.89 -10.80
C GLU D 213 8.69 -43.63 -12.09
N SER D 214 8.10 -44.79 -12.31
CA SER D 214 8.46 -45.62 -13.46
C SER D 214 7.31 -45.74 -14.46
N THR D 215 6.09 -45.47 -13.99
CA THR D 215 4.91 -45.48 -14.84
C THR D 215 4.97 -44.41 -15.94
N ASN D 216 4.27 -44.67 -17.04
CA ASN D 216 4.24 -43.72 -18.15
C ASN D 216 3.45 -42.46 -17.79
N MET D 217 2.60 -42.58 -16.77
CA MET D 217 1.86 -41.43 -16.28
C MET D 217 2.80 -40.46 -15.59
N TRP D 218 3.87 -40.99 -14.99
CA TRP D 218 4.87 -40.15 -14.35
C TRP D 218 5.71 -39.48 -15.42
N LYS D 219 6.12 -40.25 -16.41
CA LYS D 219 6.93 -39.74 -17.51
C LYS D 219 6.18 -38.70 -18.35
N ASN D 220 4.86 -38.68 -18.21
CA ASN D 220 4.02 -37.78 -19.02
C ASN D 220 3.41 -36.62 -18.23
N LEU D 221 3.73 -36.52 -16.95
CA LEU D 221 3.33 -35.36 -16.15
C LEU D 221 4.02 -34.13 -16.70
N LYS D 222 3.38 -32.97 -16.58
CA LYS D 222 3.93 -31.75 -17.12
C LYS D 222 5.18 -31.33 -16.36
N ALA D 223 5.25 -31.69 -15.07
CA ALA D 223 6.42 -31.40 -14.26
C ALA D 223 7.62 -32.23 -14.72
N THR D 224 7.36 -33.49 -15.03
CA THR D 224 8.40 -34.40 -15.53
C THR D 224 8.92 -33.97 -16.90
N LYS D 225 8.01 -33.63 -17.81
CA LYS D 225 8.39 -33.19 -19.14
C LYS D 225 9.16 -31.88 -19.10
N GLU D 226 8.73 -30.97 -18.23
CA GLU D 226 9.37 -29.67 -18.11
C GLU D 226 10.58 -29.74 -17.16
N GLY D 227 10.82 -30.94 -16.63
CA GLY D 227 11.96 -31.16 -15.75
C GLY D 227 11.82 -30.47 -14.42
N HIS D 228 10.61 -30.54 -13.85
CA HIS D 228 10.32 -29.82 -12.60
C HIS D 228 10.20 -30.75 -11.39
N ILE D 229 10.90 -31.88 -11.44
CA ILE D 229 10.91 -32.80 -10.31
C ILE D 229 12.05 -32.49 -9.35
N VAL D 230 11.72 -32.31 -8.08
CA VAL D 230 12.69 -32.03 -7.05
C VAL D 230 12.86 -33.23 -6.12
N LYS D 231 14.04 -33.84 -6.15
CA LYS D 231 14.29 -35.05 -5.36
C LYS D 231 14.95 -34.77 -4.02
N VAL D 232 14.44 -35.42 -2.98
CA VAL D 232 14.90 -35.20 -1.62
C VAL D 232 15.05 -36.52 -0.88
N ASP D 233 15.90 -36.56 0.14
CA ASP D 233 16.11 -37.77 0.92
C ASP D 233 14.93 -38.04 1.84
N ALA D 234 14.41 -39.27 1.80
CA ALA D 234 13.22 -39.63 2.56
C ALA D 234 13.43 -39.51 4.08
N GLY D 235 14.40 -40.25 4.60
CA GLY D 235 14.66 -40.27 6.03
C GLY D 235 15.00 -38.92 6.63
N THR D 236 15.75 -38.12 5.87
CA THR D 236 16.10 -36.76 6.29
C THR D 236 14.88 -35.85 6.37
N TYR D 237 13.96 -36.03 5.43
CA TYR D 237 12.83 -35.11 5.29
C TYR D 237 11.61 -35.47 6.14
N TRP D 238 11.73 -36.51 6.96
CA TRP D 238 10.63 -36.89 7.83
C TRP D 238 10.39 -35.84 8.92
N TYR D 239 11.44 -35.10 9.25
CA TYR D 239 11.43 -34.26 10.45
C TYR D 239 11.07 -32.80 10.19
N ASN D 240 10.78 -32.09 11.28
CA ASN D 240 10.46 -30.66 11.21
C ASN D 240 11.10 -29.90 12.37
N ASP D 241 12.26 -30.37 12.82
CA ASP D 241 13.00 -29.73 13.89
C ASP D 241 13.84 -28.60 13.31
N PRO D 242 14.28 -27.64 14.14
CA PRO D 242 15.05 -26.48 13.68
C PRO D 242 16.28 -26.83 12.84
N TYR D 243 16.90 -27.98 13.11
CA TYR D 243 18.05 -28.40 12.32
C TYR D 243 17.63 -28.82 10.91
N THR D 244 16.63 -29.70 10.84
CA THR D 244 16.11 -30.16 9.57
C THR D 244 15.48 -29.03 8.77
N LEU D 245 14.74 -28.16 9.46
CA LEU D 245 14.08 -27.01 8.83
C LEU D 245 15.04 -26.14 8.02
N ASP D 246 16.21 -25.85 8.58
CA ASP D 246 17.16 -24.98 7.91
C ASP D 246 17.77 -25.68 6.70
N PHE D 247 17.91 -27.00 6.80
CA PHE D 247 18.45 -27.80 5.70
C PHE D 247 17.47 -27.82 4.53
N MET D 248 16.21 -28.15 4.81
CA MET D 248 15.17 -28.17 3.80
C MET D 248 14.96 -26.77 3.21
N ARG D 249 15.09 -25.76 4.07
CA ARG D 249 15.04 -24.37 3.63
C ARG D 249 16.04 -24.09 2.53
N LYS D 250 17.30 -24.45 2.77
CA LYS D 250 18.36 -24.25 1.81
C LYS D 250 18.21 -25.18 0.61
N ASP D 251 17.80 -26.41 0.86
CA ASP D 251 17.73 -27.44 -0.18
C ASP D 251 16.61 -27.20 -1.18
N LEU D 252 15.41 -26.93 -0.68
CA LEU D 252 14.24 -26.74 -1.53
C LEU D 252 14.32 -25.45 -2.32
N LYS D 253 14.82 -24.40 -1.67
CA LYS D 253 14.95 -23.08 -2.28
C LYS D 253 15.82 -23.09 -3.54
N GLU D 254 16.95 -23.78 -3.47
CA GLU D 254 17.89 -23.83 -4.59
C GLU D 254 17.44 -24.78 -5.69
N LYS D 255 16.82 -25.90 -5.31
CA LYS D 255 16.38 -26.90 -6.27
C LYS D 255 15.17 -26.43 -7.07
N LEU D 256 14.30 -25.66 -6.43
CA LEU D 256 13.10 -25.14 -7.09
C LEU D 256 13.45 -24.04 -8.10
N ILE D 257 14.36 -23.16 -7.72
CA ILE D 257 14.73 -22.04 -8.58
C ILE D 257 15.50 -22.51 -9.82
N LYS D 258 16.31 -23.54 -9.66
CA LYS D 258 17.02 -24.13 -10.79
C LYS D 258 16.07 -24.93 -11.67
N ALA D 259 15.08 -25.56 -11.04
CA ALA D 259 14.05 -26.29 -11.76
C ALA D 259 13.21 -25.35 -12.62
N ALA D 260 13.15 -24.09 -12.23
CA ALA D 260 12.32 -23.11 -12.94
C ALA D 260 12.98 -22.66 -14.24
N LYS D 261 14.08 -23.33 -14.59
CA LYS D 261 14.80 -23.10 -15.83
C LYS D 261 15.22 -21.64 -16.02
FE 0UE E . -3.88 17.01 4.32
O11 0UE E . -2.72 18.53 4.86
O12 0UE E . -3.87 18.15 2.62
O21 0UE E . -2.33 15.89 3.86
O22 0UE E . -4.77 15.47 3.34
O31 0UE E . -5.69 17.57 4.89
O32 0UE E . -3.91 16.31 6.22
N11 0UE E . -2.40 19.36 3.80
C11 0UE E . -3.02 19.14 2.66
C12 0UE E . -2.85 19.91 1.39
C13 0UE E . -1.42 20.13 0.90
C14 0UE E . -0.89 19.11 -0.11
O13 0UE E . -0.81 19.43 -1.31
N12 0UE E . -0.53 17.97 0.39
C15 0UE E . 0.01 16.89 -0.42
C16 0UE E . 0.41 15.70 0.44
C18 0UE E . -0.39 14.38 2.45
C17 0UE E . -0.75 15.02 1.13
C19 0UE E . -1.58 13.75 3.18
N21 0UE E . -2.69 14.67 3.34
C21 0UE E . -3.97 14.50 3.10
C22 0UE E . -4.52 13.22 2.54
C23 0UE E . -5.45 12.50 3.52
C24 0UE E . -6.84 13.10 3.53
O23 0UE E . -7.47 13.27 2.49
N22 0UE E . -7.33 13.44 4.74
C25 0UE E . -8.65 14.02 4.93
C26 0UE E . -8.64 15.35 5.63
C27 0UE E . -8.65 16.61 4.78
C28 0UE E . -8.33 17.82 5.56
C29 0UE E . -7.28 17.61 6.70
N31 0UE E . -5.97 17.22 6.19
C31 0UE E . -5.00 16.56 6.83
C32 0UE E . -5.18 16.13 8.25
C39 0UE E . -1.41 20.36 4.22
C40 0UE E . -0.33 19.72 5.07
C41 0UE E . 0.15 20.57 6.27
C42 0UE E . 0.31 19.78 7.55
C43 0UE E . 0.30 20.70 8.75
N44 0UE E . -1.02 21.34 8.97
ZN ZN F . -9.48 31.94 -4.77
ZN ZN G . 6.35 16.20 8.65
ZN ZN H . 0.53 30.06 10.04
ZN ZN I . 17.54 33.25 -5.57
ZN ZN J . -12.45 5.54 1.78
ZN ZN K . -26.75 22.89 -15.47
ZN ZN L . -11.10 5.63 11.00
ZN ZN M . 6.23 29.18 3.26
ZN ZN N . -7.03 25.57 -26.74
ZN ZN O . 8.31 4.65 7.50
ZN ZN P . -7.93 10.06 -13.48
ZN ZN Q . 26.89 16.47 2.39
ZN ZN R . 5.57 36.07 -5.76
ZN ZN S . -21.04 36.84 -13.14
C1 EDO T . -6.14 27.57 1.71
O1 EDO T . -7.42 27.05 1.33
C2 EDO T . -6.30 28.98 2.27
O2 EDO T . -6.85 28.91 3.59
C1 EDO U . 5.01 3.32 -12.04
O1 EDO U . 3.96 2.70 -12.81
C2 EDO U . 5.77 2.27 -11.25
O2 EDO U . 4.84 1.36 -10.63
C1 EDO V . -4.96 21.42 -23.34
O1 EDO V . -3.79 21.65 -24.13
C2 EDO V . -5.57 20.08 -23.71
O2 EDO V . -4.60 19.05 -23.53
C1 EDO W . -4.05 26.95 -24.25
O1 EDO W . -2.67 26.65 -24.50
C2 EDO W . -4.91 25.81 -24.80
O2 EDO W . -4.49 24.58 -24.20
C1 EDO X . -0.75 29.09 -26.14
O1 EDO X . -1.91 29.81 -26.57
C2 EDO X . -0.65 29.14 -24.62
O2 EDO X . -0.64 30.51 -24.18
FE 0UE Y . -3.89 13.47 20.37
O11 0UE Y . -2.85 14.63 21.60
O12 0UE Y . -4.45 12.76 22.21
O21 0UE Y . -5.34 14.80 20.23
O22 0UE Y . -5.34 12.39 19.44
O31 0UE Y . -2.67 11.96 19.98
O32 0UE Y . -2.90 14.21 18.76
N11 0UE Y . -3.25 14.50 22.91
C11 0UE Y . -4.10 13.53 23.19
C12 0UE Y . -4.65 13.20 24.55
C13 0UE Y . -5.29 14.33 25.35
C14 0UE Y . -6.78 14.53 25.16
O13 0UE Y . -7.59 13.92 25.89
N12 0UE Y . -7.12 15.37 24.21
C15 0UE Y . -8.50 15.71 23.88
C16 0UE Y . -9.12 14.69 22.93
C18 0UE Y . -8.17 15.64 20.77
C17 0UE Y . -8.33 14.43 21.66
C19 0UE Y . -7.49 15.31 19.43
N21 0UE Y . -6.44 14.32 19.57
C21 0UE Y . -6.40 13.07 19.19
C22 0UE Y . -7.53 12.42 18.47
C23 0UE Y . -7.25 12.27 16.97
C24 0UE Y . -6.36 11.09 16.67
O23 0UE Y . -6.71 9.95 16.96
N22 0UE Y . -5.20 11.36 16.06
C25 0UE Y . -4.21 10.36 15.68
C26 0UE Y . -2.94 10.35 16.48
C27 0UE Y . -2.96 9.67 17.84
C28 0UE Y . -1.66 9.76 18.55
C29 0UE Y . -0.95 11.14 18.51
N31 0UE Y . -1.87 12.22 18.88
C31 0UE Y . -2.04 13.40 18.29
C32 0UE Y . -1.22 13.77 17.10
C39 0UE Y . -2.63 15.54 23.75
C40 0UE Y . -2.70 16.89 23.06
C41 0UE Y . -1.32 17.53 22.79
C42 0UE Y . -1.30 18.46 21.59
C43 0UE Y . -0.17 19.44 21.70
N44 0UE Y . 1.07 18.80 22.20
ZN ZN Z . 2.69 3.54 33.71
ZN ZN AA . 7.10 19.29 27.09
ZN ZN BA . -18.32 2.09 25.09
ZN ZN CA . -5.85 -13.89 26.54
ZN ZN DA . -5.43 24.01 19.60
ZN ZN EA . -16.92 8.78 45.11
ZN ZN FA . -14.86 39.46 32.34
ZN ZN GA . -6.56 13.10 9.42
ZN ZN HA . -2.46 19.85 34.12
ZN ZN IA . -15.46 -19.73 29.29
ZN ZN JA . -6.27 -19.45 27.62
ZN ZN KA . -15.24 26.63 13.87
ZN ZN LA . 0.35 16.17 42.77
ZN ZN MA . -22.80 3.24 38.69
ZN ZN NA . -18.01 6.32 39.19
ZN ZN OA . 0.25 -14.22 26.26
C1 EDO PA . 3.72 9.97 28.59
O1 EDO PA . 3.07 10.62 29.68
C2 EDO PA . 3.24 8.52 28.49
O2 EDO PA . 1.88 8.51 28.03
C1 EDO QA . -14.96 16.14 43.10
O1 EDO QA . -14.58 17.36 42.47
C2 EDO QA . -15.83 16.44 44.32
O2 EDO QA . -17.08 16.99 43.89
C1 EDO RA . -17.37 33.97 14.18
O1 EDO RA . -16.81 35.24 14.56
C2 EDO RA . -16.39 33.24 13.28
O2 EDO RA . -15.14 33.09 13.95
FE 0UE SA . 8.04 -1.53 -34.95
O11 0UE SA . 6.62 -2.58 -35.86
O12 0UE SA . 6.37 -0.41 -34.58
O21 0UE SA . 7.95 -2.64 -33.33
O22 0UE SA . 9.13 -0.42 -33.64
O31 0UE SA . 8.72 -0.34 -36.38
O32 0UE SA . 9.49 -2.69 -35.76
N11 0UE SA . 5.35 -2.14 -35.56
C11 0UE SA . 5.26 -1.01 -34.88
C12 0UE SA . 3.98 -0.34 -34.46
C13 0UE SA . 3.01 -1.18 -33.64
C14 0UE SA . 3.00 -0.91 -32.14
O13 0UE SA . 1.98 -0.47 -31.59
N12 0UE SA . 4.12 -1.18 -31.52
C15 0UE SA . 4.30 -0.99 -30.08
C16 0UE SA . 5.44 -1.85 -29.58
C18 0UE SA . 7.80 -2.68 -30.07
C17 0UE SA . 6.53 -2.05 -30.61
C19 0UE SA . 8.81 -3.04 -31.16
N21 0UE SA . 8.75 -2.17 -32.31
C21 0UE SA . 9.34 -1.02 -32.52
C22 0UE SA . 10.23 -0.37 -31.53
C23 0UE SA . 11.72 -0.51 -31.84
C24 0UE SA . 12.16 0.41 -32.97
O23 0UE SA . 11.80 1.58 -33.01
N22 0UE SA . 12.96 -0.14 -33.88
C25 0UE SA . 13.49 0.58 -35.04
C26 0UE SA . 12.61 0.56 -36.25
C27 0UE SA . 11.36 1.42 -36.26
C28 0UE SA . 10.67 1.38 -37.56
C29 0UE SA . 10.37 -0.05 -38.11
N31 0UE SA . 9.78 -0.89 -37.06
C31 0UE SA . 10.13 -2.12 -36.70
C32 0UE SA . 11.25 -2.83 -37.38
C39 0UE SA . 4.33 -3.07 -36.07
C40 0UE SA . 4.51 -4.43 -35.43
C41 0UE SA . 4.05 -5.61 -36.30
C42 0UE SA . 5.15 -6.63 -36.59
C43 0UE SA . 4.83 -7.43 -37.83
N44 0UE SA . 6.04 -8.13 -38.35
ZN ZN TA . -3.34 9.26 -43.61
ZN ZN UA . -10.22 -21.32 -19.45
ZN ZN VA . -1.33 -7.68 -44.71
ZN ZN WA . 19.13 5.69 -29.30
ZN ZN XA . 6.11 13.31 -23.37
ZN ZN YA . 0.03 1.95 -42.71
ZN ZN ZA . -6.00 -6.74 -37.51
ZN ZN AB . -5.17 23.36 -48.25
ZN ZN BB . 11.82 -13.33 -21.01
ZN ZN CB . 1.99 -17.44 -12.53
ZN ZN DB . 11.57 -16.63 -31.73
ZN ZN EB . 5.58 -11.69 -31.53
FE 0UE FB . 4.36 -40.61 10.57
O11 0UE FB . 3.50 -39.56 12.00
O12 0UE FB . 4.97 -38.71 10.15
O21 0UE FB . 5.88 -41.07 11.75
O22 0UE FB . 5.69 -41.40 9.24
O31 0UE FB . 3.03 -40.67 9.10
O32 0UE FB . 3.31 -42.27 11.07
N11 0UE FB . 4.07 -38.31 12.13
C11 0UE FB . 4.85 -37.90 11.14
C12 0UE FB . 5.58 -36.59 11.02
C13 0UE FB . 6.24 -35.99 12.25
C14 0UE FB . 7.74 -36.19 12.38
O13 0UE FB . 8.52 -35.26 12.06
N12 0UE FB . 8.12 -37.35 12.85
C15 0UE FB . 9.52 -37.70 13.05
C16 0UE FB . 10.03 -38.60 11.93
C18 0UE FB . 8.72 -40.69 12.51
C17 0UE FB . 9.06 -39.66 11.46
C19 0UE FB . 8.05 -41.94 11.94
N21 0UE FB . 6.93 -41.62 11.08
C21 0UE FB . 6.79 -41.77 9.79
C22 0UE FB . 7.86 -42.36 8.93
C23 0UE FB . 7.47 -43.69 8.29
C24 0UE FB . 6.64 -43.48 7.04
O23 0UE FB . 7.07 -42.81 6.10
N22 0UE FB . 5.43 -44.06 7.01
C25 0UE FB . 4.51 -43.96 5.89
C26 0UE FB . 3.18 -43.33 6.22
C27 0UE FB . 3.09 -41.81 6.25
C28 0UE FB . 1.80 -41.32 6.74
C29 0UE FB . 1.27 -41.95 8.07
N31 0UE FB . 2.23 -41.79 9.17
C31 0UE FB . 2.42 -42.58 10.21
C32 0UE FB . 1.61 -43.82 10.40
C39 0UE FB . 3.66 -37.71 13.41
C40 0UE FB . 3.65 -38.75 14.51
C41 0UE FB . 2.26 -39.05 15.09
C42 0UE FB . 2.19 -40.34 15.89
C43 0UE FB . 1.56 -40.11 17.24
N44 0UE FB . 0.27 -39.39 17.14
ZN ZN GB . -5.22 -34.23 19.37
ZN ZN HB . 10.05 -48.25 -0.12
ZN ZN IB . 19.69 -34.20 -0.85
ZN ZN JB . 18.86 -17.43 -3.74
ZN ZN KB . 19.78 -16.38 11.55
ZN ZN LB . -1.52 -24.32 5.80
ZN ZN MB . 5.94 -26.89 -13.94
ZN ZN NB . 1.99 -30.94 21.83
ZN ZN OB . 17.04 -11.56 6.38
ZN ZN PB . 19.76 -37.32 37.01
ZN ZN QB . 5.31 -51.47 7.48
ZN ZN RB . 17.15 -50.81 20.45
ZN ZN SB . 7.04 -45.00 20.44
ZN ZN TB . 3.79 -25.53 -18.44
C1 EDO UB . 12.21 -7.42 0.26
O1 EDO UB . 12.66 -8.77 0.32
C2 EDO UB . 12.58 -6.70 1.56
O2 EDO UB . 14.01 -6.74 1.72
C1 EDO VB . 15.80 -10.52 -4.74
O1 EDO VB . 14.91 -11.57 -5.13
C2 EDO VB . 15.50 -10.11 -3.31
O2 EDO VB . 16.42 -9.09 -2.89
C1 EDO WB . -1.68 -31.50 10.51
O1 EDO WB . -1.23 -31.33 9.16
C2 EDO WB . -1.89 -30.14 11.17
O2 EDO WB . -2.71 -29.31 10.34
C1 EDO XB . 19.05 -21.43 18.89
O1 EDO XB . 17.80 -22.05 19.22
C2 EDO XB . 18.98 -19.94 19.21
O2 EDO XB . 17.89 -19.36 18.48
#